data_4I3K
#
_entry.id   4I3K
#
_cell.length_a   82.855
_cell.length_b   82.855
_cell.length_c   304.039
_cell.angle_alpha   90.00
_cell.angle_beta   90.00
_cell.angle_gamma   90.00
#
_symmetry.space_group_name_H-M   'P 43 21 2'
#
loop_
_entity.id
_entity.type
_entity.pdbx_description
1 polymer 'Isocitrate dehydrogenase [NADP] cytoplasmic'
2 non-polymer 'NADPH DIHYDRO-NICOTINAMIDE-ADENINE-DINUCLEOTIDE PHOSPHATE'
3 non-polymer 'SULFATE ION'
4 non-polymer 1-hydroxy-6-(4-hydroxybenzyl)-4-methylpyridin-2(1H)-one
#
_entity_poly.entity_id   1
_entity_poly.type   'polypeptide(L)'
_entity_poly.pdbx_seq_one_letter_code
;MSKKISGGSVVEMQGDEMTRIIWELIKEKLIFPYVELDLHSYDLGIENRDATNDQVTKDAAEAIKKHNVGVKCATITPDE
KRVEEFKLKQMWKSPNGTIRNILGGTVFREAIICKNIPRLVSGWVKPIIIGHHAYGDQYRATDFVVPGPGKVEITYTPSD
GTQKVTYLVHNFEEGGGVAMGMYNQDKSIEDFAHSSFQMALSKGWPLYLSTKNTILKKYDGRFKDIFQEIYDKQYKSQFE
AQKIWYEHRLIDDMVAQAMKSEGGFIWACKNYDGDVQSDSVAQGYGSLGMMTSVLVCPDGKTVEAEAAHGTVTRHYRMYQ
KGQETSTNPIASIFAWTRGLAHRAKLDNNKELAFFANALEEVSIETIEAGFMTKDLAACIKGLPNVQRSDYLNTFEFMDK
LGENLKIKLAQAKL
;
_entity_poly.pdbx_strand_id   A,B
#
# COMPACT_ATOMS: atom_id res chain seq x y z
N LYS A 4 38.65 -23.20 4.78
CA LYS A 4 37.24 -22.99 4.45
C LYS A 4 36.31 -23.32 5.64
N ILE A 5 35.29 -22.48 5.85
CA ILE A 5 34.40 -22.58 6.99
C ILE A 5 33.47 -23.79 6.91
N SER A 6 33.33 -24.49 8.03
CA SER A 6 32.37 -25.59 8.18
C SER A 6 30.97 -25.04 8.41
N GLY A 7 30.21 -25.00 7.31
CA GLY A 7 28.87 -24.47 7.28
C GLY A 7 27.81 -25.34 7.91
N GLY A 8 27.65 -26.56 7.37
CA GLY A 8 26.72 -27.51 7.97
C GLY A 8 25.71 -28.09 7.01
N SER A 9 24.49 -28.31 7.51
CA SER A 9 23.39 -28.90 6.72
C SER A 9 22.46 -27.81 6.15
N VAL A 10 22.46 -27.71 4.82
CA VAL A 10 21.74 -26.66 4.14
C VAL A 10 21.05 -27.18 2.89
N VAL A 11 19.74 -26.99 2.78
CA VAL A 11 19.02 -27.36 1.58
C VAL A 11 19.19 -26.24 0.55
N GLU A 12 19.39 -26.61 -0.72
CA GLU A 12 19.55 -25.65 -1.78
C GLU A 12 18.70 -26.08 -2.94
N MET A 13 17.97 -25.17 -3.56
CA MET A 13 17.15 -25.53 -4.69
C MET A 13 17.50 -24.67 -5.87
N GLN A 14 17.76 -25.29 -7.02
CA GLN A 14 18.11 -24.50 -8.18
C GLN A 14 16.82 -24.11 -8.90
N GLY A 15 16.89 -22.98 -9.60
CA GLY A 15 15.69 -22.31 -10.11
C GLY A 15 15.60 -22.30 -11.63
N ASP A 16 15.04 -21.23 -12.21
CA ASP A 16 14.91 -21.21 -13.65
C ASP A 16 15.48 -19.94 -14.32
N GLU A 17 15.88 -20.11 -15.58
CA GLU A 17 16.27 -19.02 -16.46
C GLU A 17 17.36 -18.14 -15.84
N MET A 18 17.15 -16.83 -15.79
CA MET A 18 18.23 -15.91 -15.41
C MET A 18 18.63 -16.08 -13.94
N THR A 19 17.68 -16.40 -13.09
CA THR A 19 18.05 -16.65 -11.72
C THR A 19 18.94 -17.91 -11.60
N ARG A 20 18.84 -18.84 -12.54
CA ARG A 20 19.73 -20.00 -12.58
C ARG A 20 21.18 -19.63 -12.99
N ILE A 21 21.31 -18.70 -13.93
CA ILE A 21 22.64 -18.27 -14.31
C ILE A 21 23.34 -17.55 -13.14
N ILE A 22 22.62 -16.63 -12.52
CA ILE A 22 23.15 -15.84 -11.42
C ILE A 22 23.44 -16.68 -10.18
N TRP A 23 22.58 -17.66 -9.92
CA TRP A 23 22.70 -18.61 -8.80
C TRP A 23 24.04 -19.31 -8.80
N GLU A 24 24.40 -19.90 -9.94
CA GLU A 24 25.65 -20.65 -10.08
C GLU A 24 26.85 -19.71 -10.00
N LEU A 25 26.65 -18.47 -10.44
CA LEU A 25 27.71 -17.47 -10.30
C LEU A 25 27.95 -17.20 -8.82
N ILE A 26 26.86 -17.17 -8.06
CA ILE A 26 26.97 -16.92 -6.64
C ILE A 26 27.69 -18.04 -5.95
N LYS A 27 27.30 -19.29 -6.20
CA LYS A 27 28.00 -20.40 -5.58
C LYS A 27 29.49 -20.53 -6.01
N GLU A 28 29.80 -20.46 -7.31
CA GLU A 28 31.20 -20.63 -7.80
C GLU A 28 32.13 -19.48 -7.37
N LYS A 29 31.60 -18.25 -7.25
CA LYS A 29 32.47 -17.07 -7.04
C LYS A 29 32.34 -16.35 -5.70
N LEU A 30 31.35 -16.70 -4.88
CA LEU A 30 31.15 -16.00 -3.61
C LEU A 30 30.94 -16.96 -2.44
N ILE A 31 30.39 -18.16 -2.66
CA ILE A 31 30.08 -19.02 -1.50
C ILE A 31 31.04 -20.17 -1.35
N PHE A 32 31.07 -21.05 -2.34
CA PHE A 32 31.94 -22.23 -2.31
C PHE A 32 33.42 -21.92 -2.04
N PRO A 33 34.01 -20.87 -2.66
CA PRO A 33 35.42 -20.60 -2.38
C PRO A 33 35.81 -20.28 -0.94
N TYR A 34 34.84 -20.18 -0.01
CA TYR A 34 35.14 -19.83 1.37
C TYR A 34 34.42 -20.72 2.37
N VAL A 35 33.52 -21.56 1.88
CA VAL A 35 32.60 -22.32 2.74
C VAL A 35 32.35 -23.76 2.23
N GLU A 36 32.50 -24.75 3.11
CA GLU A 36 32.14 -26.15 2.80
C GLU A 36 30.77 -26.46 3.39
N LEU A 37 29.88 -27.07 2.61
CA LEU A 37 28.53 -27.37 3.10
C LEU A 37 28.12 -28.84 2.89
N ASP A 38 27.37 -29.42 3.82
CA ASP A 38 26.72 -30.71 3.58
C ASP A 38 25.45 -30.46 2.75
N LEU A 39 25.64 -30.43 1.45
CA LEU A 39 24.68 -29.75 0.58
C LEU A 39 23.53 -30.64 0.13
N HIS A 40 22.33 -30.17 0.42
CA HIS A 40 21.11 -30.86 0.02
C HIS A 40 20.46 -30.20 -1.18
N SER A 41 21.08 -30.33 -2.35
CA SER A 41 20.57 -29.77 -3.57
C SER A 41 19.32 -30.49 -4.02
N TYR A 42 18.35 -29.75 -4.55
CA TYR A 42 17.21 -30.33 -5.28
C TYR A 42 17.01 -29.44 -6.49
N ASP A 43 16.77 -30.02 -7.66
CA ASP A 43 16.72 -29.27 -8.92
C ASP A 43 15.30 -28.88 -9.32
N LEU A 44 14.88 -27.69 -8.92
CA LEU A 44 13.50 -27.28 -9.11
C LEU A 44 13.25 -26.57 -10.44
N GLY A 45 14.14 -26.76 -11.41
CA GLY A 45 13.90 -26.30 -12.77
C GLY A 45 12.59 -26.86 -13.34
N ILE A 46 11.94 -26.12 -14.22
CA ILE A 46 10.64 -26.53 -14.77
C ILE A 46 10.74 -27.92 -15.42
N GLU A 47 11.89 -28.23 -16.01
CA GLU A 47 12.03 -29.53 -16.64
C GLU A 47 12.07 -30.67 -15.63
N ASN A 48 12.88 -30.51 -14.58
CA ASN A 48 13.09 -31.60 -13.61
C ASN A 48 11.86 -31.78 -12.76
N ARG A 49 11.17 -30.67 -12.53
CA ARG A 49 9.87 -30.69 -11.87
C ARG A 49 8.84 -31.38 -12.77
N ASP A 50 8.95 -31.16 -14.08
CA ASP A 50 8.05 -31.81 -15.00
C ASP A 50 8.34 -33.28 -14.98
N ALA A 51 9.61 -33.60 -15.24
CA ALA A 51 10.15 -34.97 -15.34
C ALA A 51 9.86 -35.92 -14.18
N THR A 52 9.96 -35.42 -12.95
CA THR A 52 9.69 -36.23 -11.77
C THR A 52 8.25 -36.04 -11.29
N ASN A 53 7.44 -35.32 -12.06
CA ASN A 53 6.06 -34.95 -11.67
C ASN A 53 6.00 -34.13 -10.38
N ASP A 54 6.60 -32.94 -10.42
CA ASP A 54 6.74 -31.95 -9.31
C ASP A 54 7.10 -32.66 -8.03
N GLN A 55 7.79 -33.81 -8.15
CA GLN A 55 8.10 -34.60 -6.95
C GLN A 55 9.27 -34.00 -6.24
N VAL A 56 10.23 -33.54 -7.03
CA VAL A 56 11.41 -32.91 -6.50
C VAL A 56 11.02 -31.78 -5.59
N THR A 57 9.92 -31.13 -5.91
CA THR A 57 9.44 -29.97 -5.16
C THR A 57 9.02 -30.35 -3.75
N LYS A 58 8.37 -31.50 -3.62
CA LYS A 58 7.90 -31.97 -2.33
C LYS A 58 9.05 -32.44 -1.45
N ASP A 59 10.04 -33.03 -2.12
CA ASP A 59 11.20 -33.60 -1.46
C ASP A 59 11.98 -32.50 -0.77
N ALA A 60 12.08 -31.35 -1.43
CA ALA A 60 12.78 -30.21 -0.85
C ALA A 60 12.10 -29.71 0.41
N ALA A 61 10.77 -29.65 0.38
CA ALA A 61 10.02 -29.13 1.52
C ALA A 61 10.28 -29.95 2.76
N GLU A 62 10.14 -31.27 2.65
CA GLU A 62 10.43 -32.15 3.77
C GLU A 62 11.89 -32.08 4.14
N ALA A 63 12.73 -31.78 3.15
CA ALA A 63 14.17 -31.61 3.41
C ALA A 63 14.43 -30.38 4.25
N ILE A 64 13.84 -29.25 3.87
CA ILE A 64 13.95 -28.06 4.70
C ILE A 64 13.28 -28.35 6.03
N LYS A 65 12.19 -29.10 5.98
CA LYS A 65 11.47 -29.46 7.20
C LYS A 65 12.37 -30.20 8.18
N LYS A 66 13.33 -30.93 7.65
CA LYS A 66 14.25 -31.78 8.41
C LYS A 66 15.53 -31.10 8.89
N HIS A 67 16.15 -30.34 7.99
CA HIS A 67 17.45 -29.71 8.24
C HIS A 67 17.38 -28.22 8.56
N ASN A 68 16.17 -27.67 8.55
CA ASN A 68 15.87 -26.32 9.04
C ASN A 68 16.27 -25.11 8.16
N VAL A 69 17.24 -25.26 7.28
CA VAL A 69 17.72 -24.12 6.55
C VAL A 69 17.67 -24.34 5.06
N GLY A 70 16.93 -23.47 4.37
CA GLY A 70 16.78 -23.57 2.92
C GLY A 70 17.00 -22.28 2.11
N VAL A 71 17.60 -22.43 0.94
CA VAL A 71 17.76 -21.30 0.02
C VAL A 71 17.27 -21.65 -1.39
N LYS A 72 16.35 -20.83 -1.90
CA LYS A 72 15.67 -21.14 -3.15
C LYS A 72 15.91 -20.10 -4.20
N CYS A 73 16.20 -20.59 -5.40
CA CYS A 73 16.37 -19.79 -6.63
C CYS A 73 15.00 -19.61 -7.32
N ALA A 74 14.76 -18.42 -7.88
CA ALA A 74 13.44 -18.12 -8.42
C ALA A 74 13.02 -19.10 -9.52
N THR A 75 11.79 -19.58 -9.42
CA THR A 75 11.31 -20.67 -10.28
C THR A 75 10.02 -20.38 -11.04
N ILE A 76 10.10 -20.55 -12.35
CA ILE A 76 8.95 -20.48 -13.24
C ILE A 76 7.69 -21.10 -12.70
N THR A 77 6.62 -20.32 -12.68
CA THR A 77 5.30 -20.86 -12.36
C THR A 77 4.50 -21.04 -13.64
N PRO A 78 3.99 -22.25 -13.85
CA PRO A 78 3.36 -22.57 -15.12
C PRO A 78 2.00 -21.90 -15.30
N ASP A 79 1.86 -21.25 -16.47
CA ASP A 79 0.58 -20.83 -17.02
C ASP A 79 0.40 -21.51 -18.38
N GLU A 80 -0.73 -21.24 -19.05
CA GLU A 80 -1.00 -21.90 -20.33
C GLU A 80 0.16 -21.67 -21.31
N LYS A 81 0.76 -20.48 -21.27
CA LYS A 81 1.84 -20.15 -22.21
C LYS A 81 3.07 -21.00 -21.97
N ARG A 82 3.38 -21.21 -20.69
CA ARG A 82 4.53 -22.00 -20.29
C ARG A 82 4.35 -23.45 -20.71
N VAL A 83 3.13 -23.97 -20.56
CA VAL A 83 2.87 -25.34 -20.95
C VAL A 83 3.16 -25.56 -22.44
N GLU A 84 2.98 -24.51 -23.26
CA GLU A 84 3.28 -24.62 -24.71
C GLU A 84 4.78 -24.64 -24.98
N GLU A 85 5.52 -23.81 -24.26
CA GLU A 85 6.97 -23.68 -24.46
C GLU A 85 7.69 -24.97 -24.14
N PHE A 86 7.28 -25.60 -23.04
CA PHE A 86 7.96 -26.79 -22.55
C PHE A 86 7.20 -28.07 -22.82
N LYS A 87 6.02 -27.95 -23.44
CA LYS A 87 5.17 -29.09 -23.68
C LYS A 87 4.82 -29.77 -22.34
N LEU A 88 4.62 -28.97 -21.27
CA LEU A 88 4.37 -29.54 -19.95
C LEU A 88 3.21 -30.53 -19.94
N LYS A 89 3.33 -31.54 -19.08
CA LYS A 89 2.33 -32.61 -18.94
C LYS A 89 1.19 -32.17 -18.06
N GLN A 90 1.38 -31.03 -17.40
CA GLN A 90 0.38 -30.53 -16.51
C GLN A 90 0.74 -29.08 -16.22
N MET A 91 -0.18 -28.33 -15.63
CA MET A 91 0.17 -27.00 -15.15
C MET A 91 0.38 -27.06 -13.64
N TRP A 92 1.64 -27.31 -13.25
CA TRP A 92 1.98 -27.56 -11.85
C TRP A 92 1.86 -26.33 -10.96
N LYS A 93 1.30 -26.54 -9.76
CA LYS A 93 1.18 -25.49 -8.76
C LYS A 93 2.52 -24.87 -8.50
N SER A 94 2.53 -23.62 -8.08
CA SER A 94 3.78 -22.96 -7.72
C SER A 94 4.57 -23.80 -6.77
N PRO A 95 5.88 -23.92 -7.03
CA PRO A 95 6.75 -24.60 -6.09
C PRO A 95 6.67 -23.93 -4.73
N ASN A 96 6.50 -22.61 -4.70
CA ASN A 96 6.36 -21.90 -3.44
C ASN A 96 5.05 -22.26 -2.74
N GLY A 97 4.00 -22.40 -3.53
CA GLY A 97 2.73 -22.81 -2.98
C GLY A 97 2.90 -24.15 -2.31
N THR A 98 3.42 -25.11 -3.05
CA THR A 98 3.67 -26.43 -2.52
C THR A 98 4.44 -26.39 -1.21
N ILE A 99 5.62 -25.77 -1.25
CA ILE A 99 6.56 -25.78 -0.14
C ILE A 99 6.06 -25.06 1.09
N ARG A 100 5.33 -23.96 0.87
CA ARG A 100 4.84 -23.13 1.96
C ARG A 100 3.70 -23.84 2.71
N ASN A 101 3.00 -24.75 2.03
CA ASN A 101 1.99 -25.56 2.71
C ASN A 101 2.63 -26.59 3.66
N ILE A 102 3.71 -27.23 3.21
CA ILE A 102 4.33 -28.30 3.98
C ILE A 102 5.06 -27.78 5.21
N LEU A 103 5.62 -26.58 5.11
CA LEU A 103 6.42 -26.01 6.19
C LEU A 103 5.65 -25.02 7.10
N GLY A 104 4.71 -24.29 6.50
CA GLY A 104 4.00 -23.23 7.18
C GLY A 104 4.93 -22.09 7.52
N GLY A 105 4.43 -21.10 8.25
CA GLY A 105 5.23 -19.95 8.61
C GLY A 105 4.76 -18.67 7.95
N THR A 106 5.55 -17.62 8.13
CA THR A 106 5.23 -16.29 7.63
C THR A 106 6.33 -15.67 6.79
N VAL A 107 5.95 -15.17 5.62
CA VAL A 107 6.93 -14.53 4.75
C VAL A 107 7.32 -13.13 5.28
N PHE A 108 8.57 -12.75 5.04
CA PHE A 108 9.06 -11.44 5.43
C PHE A 108 9.90 -10.80 4.32
N ARG A 109 9.38 -9.72 3.75
CA ARG A 109 10.09 -8.97 2.72
C ARG A 109 10.79 -7.76 3.33
N GLU A 110 12.11 -7.74 3.22
CA GLU A 110 12.87 -6.61 3.70
C GLU A 110 13.57 -5.91 2.54
N ALA A 111 13.32 -4.62 2.40
CA ALA A 111 14.03 -3.79 1.42
C ALA A 111 15.46 -3.51 1.91
N ILE A 112 16.43 -3.71 1.02
CA ILE A 112 17.85 -3.50 1.33
C ILE A 112 18.33 -2.07 1.00
N ILE A 113 18.71 -1.33 2.03
CA ILE A 113 18.99 0.11 1.87
C ILE A 113 20.43 0.41 1.45
N CYS A 114 20.56 1.08 0.32
CA CYS A 114 21.83 1.65 -0.08
C CYS A 114 21.76 3.14 0.24
N LYS A 115 22.86 3.71 0.70
CA LYS A 115 22.82 5.08 1.21
C LYS A 115 22.70 6.12 0.07
N ASN A 116 22.91 5.65 -1.16
CA ASN A 116 22.73 6.47 -2.36
C ASN A 116 21.68 5.90 -3.32
N PRO A 127 16.08 0.31 7.45
CA PRO A 127 15.27 -0.58 6.60
C PRO A 127 13.98 -1.02 7.29
N ILE A 128 12.99 -1.42 6.49
CA ILE A 128 11.71 -1.89 7.01
C ILE A 128 11.47 -3.36 6.61
N ILE A 129 11.20 -4.18 7.62
CA ILE A 129 10.86 -5.58 7.41
C ILE A 129 9.35 -5.78 7.58
N ILE A 130 8.66 -6.05 6.47
CA ILE A 130 7.21 -6.25 6.47
C ILE A 130 6.80 -7.71 6.27
N GLY A 131 6.00 -8.26 7.18
CA GLY A 131 5.47 -9.61 7.00
C GLY A 131 3.96 -9.63 6.99
N HIS A 132 3.36 -9.90 5.84
CA HIS A 132 1.90 -9.93 5.71
C HIS A 132 1.36 -11.26 6.19
N HIS A 133 0.04 -11.43 6.18
CA HIS A 133 -0.54 -12.68 6.68
C HIS A 133 -0.56 -13.76 5.60
N ALA A 141 -9.81 -17.64 -0.42
CA ALA A 141 -10.97 -16.77 -0.30
C ALA A 141 -12.19 -17.36 -1.02
N THR A 142 -13.38 -17.12 -0.48
CA THR A 142 -14.56 -17.74 -1.05
C THR A 142 -15.55 -16.70 -1.54
N ASP A 143 -15.49 -16.40 -2.82
CA ASP A 143 -16.31 -15.36 -3.44
C ASP A 143 -17.33 -15.92 -4.46
N PHE A 144 -18.52 -15.36 -4.50
CA PHE A 144 -19.54 -15.79 -5.45
C PHE A 144 -20.47 -14.64 -5.81
N VAL A 145 -21.26 -14.82 -6.87
CA VAL A 145 -22.07 -13.74 -7.41
C VAL A 145 -23.55 -13.84 -7.05
N VAL A 146 -24.09 -12.76 -6.49
CA VAL A 146 -25.51 -12.67 -6.18
C VAL A 146 -26.30 -12.12 -7.36
N PRO A 147 -26.98 -13.01 -8.10
CA PRO A 147 -27.65 -12.65 -9.37
C PRO A 147 -28.81 -11.65 -9.24
N GLY A 148 -29.76 -11.90 -8.34
CA GLY A 148 -30.93 -11.05 -8.14
C GLY A 148 -31.27 -10.94 -6.68
N PRO A 149 -32.43 -10.34 -6.34
CA PRO A 149 -32.80 -10.17 -4.93
C PRO A 149 -32.79 -11.48 -4.13
N GLY A 150 -32.66 -11.39 -2.82
CA GLY A 150 -32.67 -12.55 -1.95
C GLY A 150 -31.69 -12.42 -0.81
N LYS A 151 -31.86 -13.21 0.22
CA LYS A 151 -30.97 -13.15 1.36
C LYS A 151 -29.69 -13.99 1.22
N VAL A 152 -28.57 -13.37 1.54
CA VAL A 152 -27.28 -14.05 1.66
C VAL A 152 -26.92 -14.09 3.14
N GLU A 153 -26.77 -15.28 3.68
CA GLU A 153 -26.48 -15.43 5.10
C GLU A 153 -25.19 -16.23 5.29
N ILE A 154 -24.57 -16.07 6.44
CA ILE A 154 -23.45 -16.92 6.75
C ILE A 154 -23.71 -17.58 8.10
N THR A 155 -23.66 -18.90 8.14
CA THR A 155 -24.05 -19.65 9.33
C THR A 155 -22.91 -20.41 10.00
N TYR A 156 -23.09 -20.69 11.29
CA TYR A 156 -22.12 -21.46 12.04
C TYR A 156 -22.77 -22.63 12.77
N THR A 157 -22.37 -23.86 12.43
CA THR A 157 -22.98 -25.04 13.01
C THR A 157 -21.93 -25.82 13.78
N PRO A 158 -21.98 -25.72 15.12
CA PRO A 158 -21.01 -26.37 15.98
C PRO A 158 -21.03 -27.88 15.80
N SER A 159 -19.91 -28.51 16.12
CA SER A 159 -19.77 -29.95 15.99
C SER A 159 -20.60 -30.72 17.02
N ASP A 160 -20.88 -30.08 18.17
CA ASP A 160 -21.60 -30.72 19.28
C ASP A 160 -23.11 -30.56 19.13
N GLY A 161 -23.56 -30.47 17.89
CA GLY A 161 -24.98 -30.39 17.55
C GLY A 161 -25.77 -29.34 18.30
N THR A 162 -25.04 -28.43 18.96
CA THR A 162 -25.66 -27.34 19.67
C THR A 162 -26.20 -26.39 18.59
N GLN A 163 -26.94 -25.37 19.03
CA GLN A 163 -27.67 -24.47 18.12
C GLN A 163 -26.87 -24.02 16.88
N LYS A 164 -27.54 -23.80 15.76
CA LYS A 164 -26.82 -23.29 14.60
C LYS A 164 -27.08 -21.82 14.52
N VAL A 165 -25.98 -21.08 14.53
CA VAL A 165 -25.98 -19.63 14.60
C VAL A 165 -25.90 -19.00 13.22
N THR A 166 -26.96 -18.25 12.90
CA THR A 166 -27.12 -17.61 11.59
C THR A 166 -27.02 -16.08 11.61
N TYR A 167 -26.09 -15.56 10.84
CA TYR A 167 -25.94 -14.13 10.65
C TYR A 167 -26.39 -13.78 9.26
N LEU A 168 -27.00 -12.60 9.07
CA LEU A 168 -27.44 -12.14 7.75
C LEU A 168 -26.42 -11.21 7.13
N VAL A 169 -25.79 -11.63 6.04
CA VAL A 169 -24.78 -10.80 5.43
C VAL A 169 -25.45 -9.64 4.73
N HIS A 170 -26.57 -9.90 4.04
CA HIS A 170 -27.46 -8.85 3.55
C HIS A 170 -28.68 -9.36 2.79
N ASN A 171 -29.78 -8.67 2.96
CA ASN A 171 -30.94 -8.93 2.13
C ASN A 171 -30.97 -7.99 0.92
N PHE A 172 -30.64 -8.51 -0.26
CA PHE A 172 -30.77 -7.75 -1.49
C PHE A 172 -32.23 -7.70 -1.88
N GLU A 173 -32.82 -6.51 -1.85
CA GLU A 173 -34.23 -6.42 -2.15
C GLU A 173 -34.49 -5.75 -3.48
N GLU A 174 -33.59 -4.86 -3.89
CA GLU A 174 -33.70 -4.27 -5.21
C GLU A 174 -33.15 -5.25 -6.21
N GLY A 175 -31.83 -5.35 -6.28
CA GLY A 175 -31.27 -6.27 -7.25
C GLY A 175 -30.19 -7.18 -6.73
N GLY A 176 -29.13 -7.34 -7.50
CA GLY A 176 -28.07 -8.26 -7.13
C GLY A 176 -26.74 -7.67 -6.74
N GLY A 177 -25.69 -8.37 -7.14
CA GLY A 177 -24.35 -7.93 -6.81
C GLY A 177 -23.39 -9.08 -6.57
N VAL A 178 -22.70 -9.00 -5.45
CA VAL A 178 -21.68 -9.97 -5.10
C VAL A 178 -21.61 -10.12 -3.58
N ALA A 179 -21.12 -11.28 -3.13
CA ALA A 179 -20.90 -11.55 -1.71
C ALA A 179 -19.68 -12.43 -1.54
N MET A 180 -19.18 -12.55 -0.32
CA MET A 180 -18.05 -13.42 -0.08
C MET A 180 -17.87 -13.78 1.40
N GLY A 181 -17.13 -14.85 1.66
CA GLY A 181 -16.86 -15.30 3.00
C GLY A 181 -15.38 -15.42 3.19
N MET A 182 -14.92 -15.22 4.42
CA MET A 182 -13.52 -15.25 4.77
C MET A 182 -13.33 -15.78 6.16
N TYR A 183 -12.31 -16.62 6.35
CA TYR A 183 -12.06 -17.20 7.66
C TYR A 183 -10.64 -17.09 8.13
N ASN A 184 -10.43 -17.57 9.35
CA ASN A 184 -9.12 -17.61 9.97
C ASN A 184 -9.18 -18.39 11.29
N GLN A 185 -8.29 -19.36 11.45
CA GLN A 185 -8.24 -20.14 12.66
C GLN A 185 -7.22 -19.54 13.61
N ASP A 186 -7.32 -19.90 14.88
CA ASP A 186 -6.38 -19.44 15.90
C ASP A 186 -4.94 -19.93 15.65
N LYS A 187 -4.82 -21.21 15.31
CA LYS A 187 -3.56 -21.84 14.94
C LYS A 187 -2.86 -20.96 13.92
N SER A 188 -3.64 -20.46 12.97
CA SER A 188 -3.17 -19.52 11.98
C SER A 188 -2.68 -18.22 12.63
N ILE A 189 -3.43 -17.72 13.61
CA ILE A 189 -3.13 -16.44 14.21
C ILE A 189 -2.00 -16.56 15.22
N GLU A 190 -1.98 -17.66 15.94
CA GLU A 190 -0.92 -17.94 16.91
C GLU A 190 0.46 -18.12 16.24
N ASP A 191 0.47 -18.71 15.05
CA ASP A 191 1.69 -18.86 14.21
C ASP A 191 2.15 -17.55 13.59
N PHE A 192 1.22 -16.60 13.42
CA PHE A 192 1.58 -15.27 12.97
C PHE A 192 2.36 -14.56 14.06
N ALA A 193 1.92 -14.74 15.29
CA ALA A 193 2.54 -14.03 16.39
C ALA A 193 4.00 -14.46 16.51
N HIS A 194 4.21 -15.74 16.78
CA HIS A 194 5.54 -16.32 16.96
C HIS A 194 6.47 -15.95 15.84
N SER A 195 6.08 -16.29 14.63
CA SER A 195 6.86 -15.96 13.46
C SER A 195 7.21 -14.47 13.44
N SER A 196 6.37 -13.61 14.02
CA SER A 196 6.63 -12.17 14.05
C SER A 196 7.45 -11.76 15.28
N PHE A 197 7.30 -12.53 16.35
CA PHE A 197 8.06 -12.36 17.58
C PHE A 197 9.46 -12.92 17.48
N GLN A 198 9.58 -14.06 16.80
CA GLN A 198 10.88 -14.67 16.56
C GLN A 198 11.77 -13.74 15.73
N MET A 199 11.22 -13.29 14.60
CA MET A 199 11.89 -12.38 13.67
C MET A 199 12.30 -11.04 14.28
N ALA A 200 11.51 -10.55 15.25
CA ALA A 200 11.86 -9.31 15.92
C ALA A 200 13.07 -9.53 16.85
N LEU A 201 13.14 -10.70 17.48
CA LEU A 201 14.24 -11.03 18.41
C LEU A 201 15.54 -11.40 17.68
N SER A 202 15.38 -12.11 16.56
CA SER A 202 16.48 -12.35 15.66
C SER A 202 17.10 -11.04 15.17
N LYS A 203 16.30 -9.98 15.10
CA LYS A 203 16.76 -8.71 14.54
C LYS A 203 17.07 -7.63 15.55
N GLY A 204 16.69 -7.84 16.80
CA GLY A 204 16.89 -6.82 17.82
C GLY A 204 16.13 -5.56 17.45
N TRP A 205 15.02 -5.73 16.73
CA TRP A 205 14.15 -4.64 16.32
C TRP A 205 12.79 -4.71 17.01
N PRO A 206 12.20 -3.54 17.27
CA PRO A 206 10.83 -3.39 17.79
C PRO A 206 9.77 -3.98 16.84
N LEU A 207 8.66 -4.48 17.39
CA LEU A 207 7.60 -5.10 16.58
C LEU A 207 6.27 -4.34 16.66
N TYR A 208 5.61 -4.10 15.53
CA TYR A 208 4.32 -3.40 15.52
C TYR A 208 3.25 -4.15 14.76
N LEU A 209 2.06 -4.31 15.32
CA LEU A 209 0.99 -4.97 14.57
C LEU A 209 -0.10 -3.99 14.14
N SER A 210 -0.31 -3.87 12.83
CA SER A 210 -1.30 -2.96 12.31
C SER A 210 -2.55 -3.68 11.90
N THR A 211 -3.55 -3.63 12.77
CA THR A 211 -4.87 -4.14 12.43
C THR A 211 -5.81 -3.00 12.06
N LYS A 212 -7.00 -3.39 11.63
CA LYS A 212 -8.09 -2.47 11.34
C LYS A 212 -9.30 -2.98 12.14
N ASN A 213 -9.18 -2.98 13.48
CA ASN A 213 -10.21 -3.55 14.37
C ASN A 213 -11.17 -2.52 14.97
N THR A 214 -11.16 -1.32 14.40
CA THR A 214 -12.22 -0.35 14.65
C THR A 214 -13.45 -0.77 13.87
N ILE A 215 -13.28 -0.95 12.55
CA ILE A 215 -14.37 -1.38 11.69
C ILE A 215 -14.78 -2.79 12.05
N LEU A 216 -13.79 -3.67 12.11
CA LEU A 216 -13.96 -5.12 12.27
C LEU A 216 -13.75 -5.51 13.71
N LYS A 217 -14.54 -4.93 14.58
CA LYS A 217 -14.40 -5.05 16.03
C LYS A 217 -14.15 -6.48 16.54
N LYS A 218 -14.78 -7.49 15.92
CA LYS A 218 -14.68 -8.86 16.43
C LYS A 218 -13.64 -9.72 15.71
N TYR A 219 -13.23 -9.30 14.52
CA TYR A 219 -12.30 -10.09 13.67
C TYR A 219 -10.84 -9.90 14.01
N ASP A 220 -10.33 -8.72 13.66
CA ASP A 220 -8.99 -8.26 13.99
C ASP A 220 -8.80 -8.09 15.48
N GLY A 221 -9.92 -7.97 16.18
CA GLY A 221 -9.87 -7.93 17.63
C GLY A 221 -9.23 -9.21 18.09
N ARG A 222 -9.66 -10.33 17.52
CA ARG A 222 -9.07 -11.63 17.82
C ARG A 222 -7.58 -11.66 17.48
N PHE A 223 -7.18 -10.90 16.47
CA PHE A 223 -5.77 -10.74 16.13
C PHE A 223 -5.01 -9.95 17.17
N LYS A 224 -5.52 -8.76 17.50
CA LYS A 224 -4.91 -7.85 18.48
C LYS A 224 -4.69 -8.51 19.84
N ASP A 225 -5.66 -9.31 20.26
CA ASP A 225 -5.62 -10.01 21.54
C ASP A 225 -4.63 -11.15 21.56
N ILE A 226 -4.75 -12.08 20.62
CA ILE A 226 -3.86 -13.24 20.56
C ILE A 226 -2.40 -12.78 20.48
N PHE A 227 -2.15 -11.62 19.89
CA PHE A 227 -0.82 -11.03 19.91
C PHE A 227 -0.37 -10.56 21.31
N GLN A 228 -1.20 -9.77 22.00
CA GLN A 228 -0.89 -9.35 23.39
C GLN A 228 -0.81 -10.53 24.35
N GLU A 229 -1.46 -11.65 24.04
CA GLU A 229 -1.42 -12.81 24.92
C GLU A 229 -0.12 -13.61 24.77
N ILE A 230 0.42 -13.63 23.55
CA ILE A 230 1.65 -14.34 23.26
C ILE A 230 2.84 -13.57 23.78
N TYR A 231 2.78 -12.26 23.60
CA TYR A 231 3.82 -11.34 24.06
C TYR A 231 4.18 -11.62 25.53
N ASP A 232 3.17 -11.74 26.37
CA ASP A 232 3.37 -11.88 27.79
C ASP A 232 3.83 -13.29 28.12
N LYS A 233 2.93 -14.25 27.93
CA LYS A 233 3.16 -15.64 28.30
C LYS A 233 4.58 -16.15 27.95
N GLN A 234 5.23 -15.59 26.92
CA GLN A 234 6.58 -16.06 26.54
C GLN A 234 7.65 -14.98 26.21
N TYR A 235 7.24 -13.85 25.61
CA TYR A 235 8.22 -12.95 25.02
C TYR A 235 8.43 -11.57 25.67
N LYS A 236 7.71 -11.21 26.73
CA LYS A 236 7.93 -9.88 27.30
C LYS A 236 9.33 -9.80 27.92
N SER A 237 9.76 -10.89 28.55
CA SER A 237 11.10 -11.02 29.11
C SER A 237 12.16 -10.63 28.10
N GLN A 238 12.39 -11.51 27.12
CA GLN A 238 13.48 -11.38 26.15
C GLN A 238 13.43 -10.08 25.33
N PHE A 239 12.26 -9.46 25.28
CA PHE A 239 12.09 -8.21 24.53
C PHE A 239 12.76 -7.04 25.27
N GLU A 240 12.48 -6.91 26.56
CA GLU A 240 13.18 -5.94 27.39
C GLU A 240 14.68 -6.29 27.47
N ALA A 241 15.00 -7.58 27.32
CA ALA A 241 16.36 -8.08 27.38
C ALA A 241 17.19 -7.60 26.20
N GLN A 242 16.54 -6.92 25.25
CA GLN A 242 17.24 -6.32 24.12
C GLN A 242 16.75 -4.89 23.93
N LYS A 243 16.19 -4.31 24.98
CA LYS A 243 15.68 -2.94 24.96
C LYS A 243 14.76 -2.69 23.77
N ILE A 244 13.94 -3.67 23.45
CA ILE A 244 13.04 -3.56 22.31
C ILE A 244 11.65 -3.82 22.85
N TRP A 245 10.65 -3.70 22.00
CA TRP A 245 9.29 -3.90 22.45
C TRP A 245 8.32 -4.38 21.37
N TYR A 246 7.03 -4.33 21.70
CA TYR A 246 5.94 -4.59 20.77
C TYR A 246 4.77 -3.72 21.15
N GLU A 247 4.03 -3.24 20.15
CA GLU A 247 2.86 -2.42 20.37
C GLU A 247 1.86 -2.73 19.28
N HIS A 248 0.62 -2.31 19.46
CA HIS A 248 -0.36 -2.49 18.40
C HIS A 248 -0.76 -1.12 17.86
N ARG A 249 -1.23 -1.10 16.62
CA ARG A 249 -1.66 0.15 16.01
C ARG A 249 -2.83 -0.06 15.04
N LEU A 250 -3.25 1.03 14.41
CA LEU A 250 -4.24 0.93 13.35
C LEU A 250 -3.59 1.50 12.11
N ILE A 251 -3.89 0.86 10.99
CA ILE A 251 -3.21 1.08 9.72
C ILE A 251 -2.77 2.50 9.38
N ASP A 252 -3.68 3.46 9.43
CA ASP A 252 -3.35 4.80 8.94
C ASP A 252 -2.55 5.60 9.98
N ASP A 253 -2.62 5.19 11.25
CA ASP A 253 -1.86 5.89 12.30
C ASP A 253 -0.43 5.38 12.36
N MET A 254 -0.23 4.16 11.85
CA MET A 254 1.09 3.55 11.77
C MET A 254 1.91 4.32 10.76
N VAL A 255 1.24 4.72 9.69
CA VAL A 255 1.73 5.73 8.75
C VAL A 255 2.18 7.01 9.46
N GLY A 264 13.71 0.82 10.93
CA GLY A 264 14.23 -0.20 11.82
C GLY A 264 13.18 -0.89 12.68
N PHE A 265 12.13 -1.41 12.04
CA PHE A 265 11.08 -2.10 12.79
C PHE A 265 10.43 -3.24 12.01
N ILE A 266 9.94 -4.23 12.75
CA ILE A 266 9.25 -5.36 12.15
C ILE A 266 7.76 -5.01 12.06
N TRP A 267 7.20 -5.02 10.86
CA TRP A 267 5.79 -4.66 10.68
C TRP A 267 4.98 -5.87 10.24
N ALA A 268 4.01 -6.25 11.06
CA ALA A 268 3.10 -7.32 10.71
C ALA A 268 1.83 -6.69 10.21
N CYS A 269 1.37 -7.14 9.06
CA CYS A 269 0.21 -6.56 8.44
C CYS A 269 -0.85 -7.62 8.19
N LYS A 270 -1.93 -7.57 8.96
CA LYS A 270 -3.10 -8.40 8.74
C LYS A 270 -3.66 -8.13 7.34
N ASN A 271 -3.32 -8.99 6.37
CA ASN A 271 -3.84 -8.90 5.00
C ASN A 271 -3.44 -10.11 4.15
N LEU A 288 13.88 -3.87 -6.55
CA LEU A 288 13.31 -5.22 -6.67
C LEU A 288 14.39 -6.29 -6.66
N GLY A 289 15.51 -6.01 -7.34
CA GLY A 289 16.68 -6.86 -7.27
C GLY A 289 17.37 -6.56 -5.95
N MET A 290 16.64 -5.92 -5.03
CA MET A 290 17.12 -5.60 -3.70
C MET A 290 16.06 -5.99 -2.69
N MET A 291 15.09 -6.79 -3.12
CA MET A 291 14.06 -7.26 -2.23
C MET A 291 14.36 -8.70 -1.82
N THR A 292 14.22 -9.02 -0.54
CA THR A 292 14.57 -10.36 -0.03
C THR A 292 13.49 -11.00 0.84
N SER A 293 12.78 -11.97 0.27
CA SER A 293 11.72 -12.66 1.01
C SER A 293 12.28 -13.81 1.84
N VAL A 294 11.77 -13.97 3.06
CA VAL A 294 12.21 -15.01 3.98
C VAL A 294 11.04 -15.64 4.76
N LEU A 295 10.90 -16.95 4.65
CA LEU A 295 9.85 -17.66 5.38
C LEU A 295 10.31 -18.12 6.76
N VAL A 296 9.70 -17.54 7.79
CA VAL A 296 10.00 -17.88 9.16
C VAL A 296 8.96 -18.85 9.74
N CYS A 297 9.38 -20.05 10.11
CA CYS A 297 8.45 -20.96 10.75
C CYS A 297 8.29 -20.53 12.20
N PRO A 298 7.12 -20.83 12.83
CA PRO A 298 6.82 -20.32 14.17
C PRO A 298 7.79 -20.86 15.20
N ASP A 299 8.21 -22.12 15.01
CA ASP A 299 9.10 -22.82 15.92
C ASP A 299 10.38 -22.03 16.20
N GLY A 300 10.77 -21.20 15.24
CA GLY A 300 11.94 -20.37 15.36
C GLY A 300 13.16 -21.06 14.79
N LYS A 301 13.04 -22.36 14.53
CA LYS A 301 14.18 -23.14 14.05
C LYS A 301 14.22 -23.16 12.54
N THR A 302 13.11 -23.50 11.90
CA THR A 302 13.07 -23.63 10.45
C THR A 302 12.87 -22.28 9.73
N VAL A 303 13.69 -22.10 8.68
CA VAL A 303 13.73 -20.87 7.87
C VAL A 303 14.07 -21.16 6.40
N GLU A 304 13.27 -20.64 5.47
CA GLU A 304 13.55 -20.73 4.05
C GLU A 304 13.65 -19.38 3.44
N ALA A 305 14.72 -19.11 2.71
CA ALA A 305 14.97 -17.78 2.13
C ALA A 305 15.12 -17.70 0.61
N GLU A 306 14.74 -16.56 0.03
CA GLU A 306 14.84 -16.34 -1.41
C GLU A 306 14.68 -14.87 -1.81
N ALA A 307 15.22 -14.53 -2.98
CA ALA A 307 15.00 -13.20 -3.54
C ALA A 307 13.51 -13.06 -3.86
N ALA A 308 12.97 -11.84 -3.77
CA ALA A 308 11.54 -11.63 -3.97
C ALA A 308 11.21 -11.39 -5.45
N HIS A 309 12.22 -11.15 -6.26
CA HIS A 309 12.01 -11.04 -7.70
C HIS A 309 11.93 -12.43 -8.36
N GLY A 310 11.36 -12.49 -9.56
CA GLY A 310 11.16 -13.73 -10.28
C GLY A 310 12.35 -14.15 -11.10
N THR A 311 12.09 -14.89 -12.16
CA THR A 311 13.15 -15.52 -12.94
C THR A 311 13.77 -14.61 -13.99
N VAL A 312 13.31 -13.36 -14.03
CA VAL A 312 13.76 -12.31 -14.96
C VAL A 312 13.86 -12.79 -16.42
N THR A 313 12.71 -13.09 -17.00
CA THR A 313 12.70 -13.77 -18.28
C THR A 313 13.29 -12.95 -19.42
N ARG A 314 12.98 -11.66 -19.45
CA ARG A 314 13.40 -10.81 -20.56
C ARG A 314 14.90 -10.79 -20.73
N HIS A 315 15.63 -10.61 -19.63
CA HIS A 315 17.08 -10.62 -19.61
C HIS A 315 17.66 -11.95 -20.03
N TYR A 316 16.89 -13.00 -19.78
CA TYR A 316 17.29 -14.35 -20.17
C TYR A 316 17.10 -14.59 -21.68
N ARG A 317 16.05 -14.03 -22.26
CA ARG A 317 15.84 -14.17 -23.71
C ARG A 317 16.95 -13.41 -24.43
N MET A 318 17.48 -12.38 -23.78
CA MET A 318 18.65 -11.68 -24.28
C MET A 318 19.92 -12.52 -24.10
N TYR A 319 20.01 -13.21 -22.97
CA TYR A 319 21.15 -14.06 -22.67
C TYR A 319 21.27 -15.19 -23.68
N GLN A 320 20.14 -15.81 -23.97
CA GLN A 320 20.06 -16.85 -24.98
C GLN A 320 20.49 -16.30 -26.34
N LYS A 321 19.94 -15.15 -26.70
CA LYS A 321 20.23 -14.57 -28.01
C LYS A 321 21.72 -14.24 -28.18
N GLY A 322 22.45 -14.17 -27.08
CA GLY A 322 23.89 -13.92 -27.14
C GLY A 322 24.26 -12.50 -26.74
N GLN A 323 23.23 -11.73 -26.40
CA GLN A 323 23.35 -10.31 -26.10
C GLN A 323 23.85 -10.07 -24.67
N GLU A 324 24.46 -8.91 -24.44
CA GLU A 324 24.94 -8.52 -23.11
C GLU A 324 23.82 -8.14 -22.15
N THR A 325 23.85 -8.69 -20.94
CA THR A 325 22.80 -8.46 -19.92
C THR A 325 23.36 -7.75 -18.71
N SER A 326 22.50 -7.37 -17.79
CA SER A 326 22.97 -6.70 -16.59
C SER A 326 22.03 -6.87 -15.41
N THR A 327 21.97 -8.10 -14.87
CA THR A 327 21.00 -8.44 -13.83
C THR A 327 21.58 -8.39 -12.41
N ASN A 328 20.76 -7.90 -11.48
CA ASN A 328 21.14 -7.64 -10.11
C ASN A 328 21.19 -8.88 -9.20
N PRO A 329 22.40 -9.24 -8.75
CA PRO A 329 22.50 -10.46 -7.93
C PRO A 329 22.21 -10.24 -6.44
N ILE A 330 22.27 -9.01 -5.95
CA ILE A 330 22.19 -8.74 -4.51
C ILE A 330 21.06 -9.47 -3.79
N ALA A 331 19.90 -9.53 -4.43
CA ALA A 331 18.77 -10.20 -3.82
C ALA A 331 19.04 -11.67 -3.70
N SER A 332 19.42 -12.30 -4.82
CA SER A 332 19.76 -13.72 -4.82
C SER A 332 20.88 -13.95 -3.82
N ILE A 333 21.88 -13.07 -3.79
CA ILE A 333 22.97 -13.17 -2.83
C ILE A 333 22.46 -13.12 -1.43
N PHE A 334 21.66 -12.11 -1.11
CA PHE A 334 21.19 -11.93 0.25
C PHE A 334 20.31 -13.08 0.75
N ALA A 335 19.69 -13.80 -0.16
CA ALA A 335 18.99 -15.02 0.23
C ALA A 335 19.94 -15.98 0.92
N TRP A 336 21.14 -16.16 0.35
CA TRP A 336 22.14 -17.08 0.90
C TRP A 336 22.58 -16.62 2.27
N THR A 337 22.94 -15.35 2.40
CA THR A 337 23.45 -14.85 3.67
C THR A 337 22.41 -14.91 4.79
N ARG A 338 21.11 -14.82 4.47
CA ARG A 338 20.09 -14.91 5.54
C ARG A 338 19.96 -16.36 6.00
N GLY A 339 20.00 -17.29 5.06
CA GLY A 339 19.97 -18.71 5.37
C GLY A 339 21.25 -19.25 6.00
N LEU A 340 22.40 -18.74 5.56
CA LEU A 340 23.68 -19.14 6.14
C LEU A 340 23.84 -18.59 7.54
N ALA A 341 23.46 -17.33 7.72
CA ALA A 341 23.54 -16.69 9.02
C ALA A 341 22.55 -17.30 10.00
N HIS A 342 21.42 -17.78 9.48
CA HIS A 342 20.49 -18.48 10.34
C HIS A 342 21.06 -19.82 10.79
N ARG A 343 21.72 -20.51 9.86
CA ARG A 343 22.46 -21.76 10.13
C ARG A 343 23.50 -21.57 11.21
N ALA A 344 24.34 -20.56 11.01
CA ALA A 344 25.37 -20.22 11.96
C ALA A 344 24.81 -20.04 13.36
N LYS A 345 23.66 -19.38 13.49
CA LYS A 345 23.05 -19.16 14.82
C LYS A 345 22.67 -20.45 15.57
N LEU A 346 21.98 -21.35 14.87
CA LEU A 346 21.48 -22.60 15.44
C LEU A 346 22.62 -23.51 15.91
N ASP A 347 23.81 -23.26 15.38
CA ASP A 347 24.96 -24.16 15.54
C ASP A 347 26.17 -23.59 16.27
N ASN A 348 26.03 -22.37 16.79
CA ASN A 348 27.14 -21.57 17.35
C ASN A 348 28.35 -21.54 16.46
N ASN A 349 28.18 -20.93 15.28
CA ASN A 349 29.20 -20.92 14.27
C ASN A 349 29.68 -19.51 13.99
N LYS A 350 30.49 -18.97 14.89
CA LYS A 350 31.01 -17.61 14.74
C LYS A 350 31.73 -17.38 13.39
N GLU A 351 32.39 -18.42 12.92
CA GLU A 351 33.09 -18.37 11.64
C GLU A 351 32.10 -18.11 10.50
N LEU A 352 31.02 -18.91 10.44
CA LEU A 352 30.03 -18.77 9.37
C LEU A 352 29.30 -17.46 9.52
N ALA A 353 28.81 -17.21 10.73
CA ALA A 353 28.08 -15.98 11.03
C ALA A 353 28.81 -14.73 10.60
N PHE A 354 30.12 -14.66 10.84
CA PHE A 354 30.89 -13.50 10.41
C PHE A 354 30.88 -13.43 8.92
N PHE A 355 31.22 -14.55 8.30
CA PHE A 355 31.30 -14.59 6.85
C PHE A 355 30.03 -14.09 6.22
N ALA A 356 28.87 -14.57 6.70
CA ALA A 356 27.58 -14.08 6.23
C ALA A 356 27.53 -12.57 6.37
N ASN A 357 27.81 -12.07 7.57
CA ASN A 357 27.80 -10.65 7.80
C ASN A 357 28.77 -9.96 6.89
N ALA A 358 29.93 -10.57 6.69
CA ALA A 358 30.96 -9.91 5.88
C ALA A 358 30.53 -9.77 4.43
N LEU A 359 29.77 -10.75 3.91
CA LEU A 359 29.39 -10.72 2.49
C LEU A 359 28.32 -9.72 2.20
N GLU A 360 27.35 -9.66 3.11
CA GLU A 360 26.29 -8.68 3.03
C GLU A 360 26.83 -7.26 2.97
N GLU A 361 27.87 -7.01 3.77
CA GLU A 361 28.56 -5.74 3.76
C GLU A 361 29.21 -5.52 2.39
N VAL A 362 30.03 -6.46 1.93
CA VAL A 362 30.63 -6.38 0.59
C VAL A 362 29.62 -5.98 -0.51
N SER A 363 28.44 -6.60 -0.53
CA SER A 363 27.37 -6.28 -1.49
C SER A 363 26.92 -4.81 -1.43
N ILE A 364 26.62 -4.33 -0.23
CA ILE A 364 26.21 -2.94 -0.03
C ILE A 364 27.31 -1.92 -0.28
N GLU A 365 28.52 -2.17 0.21
CA GLU A 365 29.58 -1.21 -0.05
C GLU A 365 30.05 -1.22 -1.50
N THR A 366 29.87 -2.33 -2.21
CA THR A 366 30.29 -2.41 -3.61
C THR A 366 29.40 -1.50 -4.45
N ILE A 367 28.14 -1.40 -4.05
CA ILE A 367 27.23 -0.49 -4.73
C ILE A 367 27.41 0.92 -4.19
N GLU A 368 27.58 1.06 -2.87
CA GLU A 368 27.78 2.38 -2.28
C GLU A 368 29.07 3.07 -2.72
N ALA A 369 29.90 2.34 -3.43
CA ALA A 369 31.12 2.91 -3.98
C ALA A 369 31.03 3.10 -5.51
N GLY A 370 29.83 2.89 -6.07
CA GLY A 370 29.57 3.19 -7.46
C GLY A 370 29.49 2.10 -8.51
N PHE A 371 29.93 0.89 -8.18
CA PHE A 371 29.84 -0.23 -9.12
C PHE A 371 28.52 -0.93 -8.95
N MET A 372 27.69 -0.89 -9.99
CA MET A 372 26.36 -1.47 -9.88
C MET A 372 25.82 -1.92 -11.22
N THR A 373 24.67 -2.58 -11.19
CA THR A 373 23.99 -3.06 -12.40
C THR A 373 23.13 -1.92 -12.98
N LYS A 374 22.43 -2.17 -14.07
CA LYS A 374 21.77 -1.09 -14.81
C LYS A 374 20.49 -0.62 -14.16
N ASP A 375 19.82 -1.52 -13.46
CA ASP A 375 18.61 -1.15 -12.74
C ASP A 375 18.90 -0.14 -11.64
N LEU A 376 20.07 -0.26 -11.03
CA LEU A 376 20.43 0.63 -9.92
C LEU A 376 20.94 1.97 -10.43
N ALA A 377 21.71 1.92 -11.52
CA ALA A 377 22.22 3.13 -12.14
C ALA A 377 21.04 3.96 -12.70
N ALA A 378 19.98 3.27 -13.12
CA ALA A 378 18.79 3.95 -13.62
C ALA A 378 17.97 4.53 -12.48
N CYS A 379 18.24 4.09 -11.26
CA CYS A 379 17.60 4.66 -10.09
C CYS A 379 18.27 6.01 -9.80
N ILE A 380 19.59 6.02 -9.85
CA ILE A 380 20.36 7.22 -9.62
C ILE A 380 20.08 8.27 -10.70
N LYS A 381 20.45 7.99 -11.94
CA LYS A 381 20.46 9.02 -12.98
C LYS A 381 19.19 9.18 -13.82
N GLY A 382 18.24 8.27 -13.67
CA GLY A 382 17.06 8.33 -14.50
C GLY A 382 17.25 7.42 -15.70
N LEU A 383 16.19 6.68 -16.02
CA LEU A 383 16.18 5.65 -17.07
C LEU A 383 16.68 6.10 -18.45
N PRO A 384 16.16 7.22 -19.02
CA PRO A 384 16.61 7.62 -20.36
C PRO A 384 18.05 8.14 -20.45
N ASN A 385 18.66 8.46 -19.32
CA ASN A 385 20.00 9.07 -19.30
C ASN A 385 21.12 8.09 -18.90
N VAL A 386 20.81 6.80 -18.86
CA VAL A 386 21.78 5.82 -18.36
C VAL A 386 22.79 5.50 -19.44
N GLN A 387 24.06 5.78 -19.17
CA GLN A 387 25.12 5.43 -20.08
C GLN A 387 25.77 4.12 -19.63
N ARG A 388 26.42 3.43 -20.54
CA ARG A 388 27.02 2.16 -20.21
C ARG A 388 28.15 2.30 -19.19
N SER A 389 28.80 3.45 -19.19
CA SER A 389 29.93 3.62 -18.29
C SER A 389 29.44 3.99 -16.89
N ASP A 390 28.14 3.79 -16.68
CA ASP A 390 27.61 4.01 -15.36
C ASP A 390 27.46 2.68 -14.65
N TYR A 391 27.23 1.64 -15.41
CA TYR A 391 26.95 0.35 -14.81
C TYR A 391 27.83 -0.78 -15.34
N LEU A 392 27.85 -1.89 -14.60
CA LEU A 392 28.50 -3.12 -15.03
C LEU A 392 27.46 -4.15 -15.47
N ASN A 393 27.88 -5.08 -16.32
CA ASN A 393 27.00 -6.15 -16.70
C ASN A 393 27.06 -7.26 -15.66
N THR A 394 26.24 -8.30 -15.84
CA THR A 394 26.13 -9.41 -14.89
C THR A 394 27.48 -10.01 -14.50
N PHE A 395 28.30 -10.33 -15.50
CA PHE A 395 29.55 -11.04 -15.32
C PHE A 395 30.72 -10.18 -14.82
N GLU A 396 30.66 -8.86 -15.05
CA GLU A 396 31.67 -7.94 -14.50
C GLU A 396 31.37 -7.57 -13.06
N PHE A 397 30.09 -7.49 -12.72
CA PHE A 397 29.71 -7.15 -11.36
C PHE A 397 29.99 -8.31 -10.38
N MET A 398 29.76 -9.56 -10.82
CA MET A 398 30.03 -10.71 -9.95
C MET A 398 31.50 -10.76 -9.63
N ASP A 399 32.29 -10.36 -10.62
CA ASP A 399 33.73 -10.26 -10.48
C ASP A 399 34.06 -9.29 -9.37
N LYS A 400 33.48 -8.10 -9.44
CA LYS A 400 33.73 -7.06 -8.44
C LYS A 400 33.30 -7.49 -7.01
N LEU A 401 32.15 -8.15 -6.87
CA LEU A 401 31.76 -8.61 -5.54
C LEU A 401 32.75 -9.65 -5.02
N GLY A 402 33.22 -10.50 -5.93
CA GLY A 402 34.19 -11.51 -5.62
C GLY A 402 35.52 -10.94 -5.19
N GLU A 403 35.99 -9.96 -5.94
CA GLU A 403 37.24 -9.28 -5.62
C GLU A 403 37.18 -8.64 -4.26
N ASN A 404 36.06 -7.99 -3.97
CA ASN A 404 35.92 -7.27 -2.72
C ASN A 404 35.71 -8.17 -1.52
N LEU A 405 35.24 -9.38 -1.80
CA LEU A 405 35.06 -10.38 -0.76
C LEU A 405 36.41 -11.02 -0.41
N LYS A 406 37.34 -11.01 -1.36
CA LYS A 406 38.71 -11.48 -1.11
C LYS A 406 39.46 -10.55 -0.15
N ILE A 407 39.43 -9.26 -0.44
CA ILE A 407 40.14 -8.27 0.35
C ILE A 407 39.48 -8.13 1.71
N LYS A 408 38.17 -7.95 1.72
CA LYS A 408 37.42 -7.83 2.97
C LYS A 408 37.69 -8.94 3.97
N LEU A 409 37.72 -10.16 3.45
CA LEU A 409 37.90 -11.34 4.27
C LEU A 409 39.34 -11.51 4.65
N ALA A 410 40.21 -10.91 3.86
CA ALA A 410 41.62 -10.88 4.17
C ALA A 410 41.85 -10.01 5.41
N GLN A 411 40.89 -9.15 5.72
CA GLN A 411 40.90 -8.29 6.91
C GLN A 411 39.96 -8.74 8.05
N LYS B 4 -15.65 42.80 -10.11
CA LYS B 4 -15.56 41.50 -9.42
C LYS B 4 -16.53 40.46 -9.97
N ILE B 5 -16.09 39.22 -10.00
CA ILE B 5 -16.90 38.14 -10.55
C ILE B 5 -18.02 37.79 -9.59
N SER B 6 -19.21 37.57 -10.12
CA SER B 6 -20.27 36.96 -9.31
C SER B 6 -20.10 35.45 -9.38
N GLY B 7 -19.44 34.87 -8.39
CA GLY B 7 -19.17 33.45 -8.41
C GLY B 7 -20.45 32.69 -8.19
N GLY B 8 -21.09 32.94 -7.05
CA GLY B 8 -22.38 32.35 -6.79
C GLY B 8 -22.51 31.74 -5.43
N SER B 9 -23.24 30.63 -5.37
CA SER B 9 -23.53 29.98 -4.11
C SER B 9 -22.53 28.84 -3.83
N VAL B 10 -21.75 28.98 -2.75
CA VAL B 10 -20.68 28.04 -2.43
C VAL B 10 -20.66 27.73 -0.91
N VAL B 11 -20.77 26.44 -0.52
CA VAL B 11 -20.63 26.06 0.91
C VAL B 11 -19.18 25.98 1.32
N GLU B 12 -18.85 26.52 2.48
CA GLU B 12 -17.46 26.52 2.94
C GLU B 12 -17.37 26.17 4.40
N MET B 13 -16.42 25.29 4.70
CA MET B 13 -16.24 24.84 6.05
C MET B 13 -14.82 25.16 6.53
N GLN B 14 -14.77 25.81 7.67
CA GLN B 14 -13.54 26.23 8.27
C GLN B 14 -13.05 25.15 9.20
N GLY B 15 -11.75 25.16 9.41
CA GLY B 15 -11.09 24.07 10.08
C GLY B 15 -10.46 24.47 11.38
N ASP B 16 -9.34 23.82 11.64
CA ASP B 16 -8.59 23.95 12.87
C ASP B 16 -7.15 24.28 12.62
N GLU B 17 -6.53 24.88 13.63
CA GLU B 17 -5.09 25.05 13.70
C GLU B 17 -4.43 25.69 12.48
N MET B 18 -3.36 25.07 11.98
CA MET B 18 -2.54 25.74 10.98
C MET B 18 -3.21 25.94 9.64
N THR B 19 -3.99 24.96 9.19
CA THR B 19 -4.76 25.10 7.95
C THR B 19 -5.84 26.19 8.09
N ARG B 20 -6.22 26.47 9.33
CA ARG B 20 -7.18 27.53 9.56
C ARG B 20 -6.54 28.89 9.25
N ILE B 21 -5.28 29.03 9.62
CA ILE B 21 -4.57 30.29 9.39
C ILE B 21 -4.55 30.51 7.88
N ILE B 22 -4.15 29.48 7.16
CA ILE B 22 -4.04 29.52 5.72
C ILE B 22 -5.37 29.72 5.00
N TRP B 23 -6.44 29.11 5.51
CA TRP B 23 -7.77 29.24 4.92
C TRP B 23 -8.20 30.68 4.80
N GLU B 24 -8.08 31.40 5.90
CA GLU B 24 -8.47 32.79 5.97
C GLU B 24 -7.60 33.70 5.14
N LEU B 25 -6.34 33.32 5.03
CA LEU B 25 -5.42 34.05 4.18
C LEU B 25 -5.81 33.87 2.74
N ILE B 26 -6.21 32.66 2.38
CA ILE B 26 -6.55 32.38 1.00
C ILE B 26 -7.72 33.24 0.59
N LYS B 27 -8.72 33.32 1.45
CA LYS B 27 -9.88 34.13 1.16
C LYS B 27 -9.48 35.60 0.94
N GLU B 28 -8.74 36.15 1.90
CA GLU B 28 -8.39 37.57 1.90
C GLU B 28 -7.36 38.04 0.82
N LYS B 29 -6.44 37.18 0.40
CA LYS B 29 -5.37 37.61 -0.52
C LYS B 29 -5.54 37.03 -1.92
N LEU B 30 -6.48 36.08 -2.08
CA LEU B 30 -6.63 35.37 -3.35
C LEU B 30 -8.06 35.24 -3.90
N ILE B 31 -9.02 35.13 -3.01
CA ILE B 31 -10.36 34.83 -3.46
C ILE B 31 -11.27 36.03 -3.42
N PHE B 32 -11.55 36.50 -2.21
CA PHE B 32 -12.46 37.62 -2.00
C PHE B 32 -12.15 38.88 -2.86
N PRO B 33 -10.85 39.25 -3.01
CA PRO B 33 -10.55 40.43 -3.85
C PRO B 33 -10.89 40.34 -5.35
N TYR B 34 -11.34 39.19 -5.84
CA TYR B 34 -11.63 39.06 -7.26
C TYR B 34 -12.94 38.41 -7.56
N VAL B 35 -13.55 37.86 -6.50
CA VAL B 35 -14.77 37.08 -6.63
C VAL B 35 -15.73 37.31 -5.49
N GLU B 36 -16.98 37.55 -5.85
CA GLU B 36 -18.06 37.65 -4.90
C GLU B 36 -18.81 36.34 -4.88
N LEU B 37 -19.07 35.85 -3.67
CA LEU B 37 -19.78 34.59 -3.47
C LEU B 37 -20.99 34.81 -2.61
N ASP B 38 -22.06 34.13 -2.97
CA ASP B 38 -23.16 34.07 -2.05
C ASP B 38 -22.78 32.92 -1.12
N LEU B 39 -22.09 33.26 -0.04
CA LEU B 39 -21.32 32.33 0.76
C LEU B 39 -22.05 31.68 1.94
N HIS B 40 -22.09 30.36 1.95
CA HIS B 40 -22.69 29.60 3.03
C HIS B 40 -21.63 29.06 3.96
N SER B 41 -21.02 29.90 4.81
CA SER B 41 -20.03 29.46 5.78
C SER B 41 -20.55 28.57 6.92
N TYR B 42 -19.78 27.54 7.25
CA TYR B 42 -20.03 26.73 8.44
C TYR B 42 -18.71 26.56 9.17
N ASP B 43 -18.76 26.75 10.48
CA ASP B 43 -17.55 26.78 11.30
C ASP B 43 -17.30 25.43 11.98
N LEU B 44 -16.53 24.59 11.29
CA LEU B 44 -16.30 23.22 11.73
C LEU B 44 -15.08 23.09 12.62
N GLY B 45 -14.59 24.22 13.14
CA GLY B 45 -13.53 24.20 14.13
C GLY B 45 -13.97 23.39 15.35
N ILE B 46 -13.04 22.69 15.97
CA ILE B 46 -13.36 21.72 17.03
C ILE B 46 -14.18 22.33 18.18
N GLU B 47 -13.92 23.59 18.50
CA GLU B 47 -14.55 24.26 19.62
C GLU B 47 -16.03 24.45 19.36
N ASN B 48 -16.37 24.88 18.16
CA ASN B 48 -17.76 25.11 17.83
C ASN B 48 -18.53 23.83 17.58
N ARG B 49 -17.84 22.82 17.06
CA ARG B 49 -18.42 21.49 16.83
C ARG B 49 -18.79 20.85 18.15
N ASP B 50 -17.96 21.10 19.15
CA ASP B 50 -18.22 20.63 20.50
C ASP B 50 -19.39 21.42 21.06
N ALA B 51 -19.28 22.74 21.00
CA ALA B 51 -20.29 23.68 21.53
C ALA B 51 -21.70 23.40 21.05
N THR B 52 -21.83 23.05 19.78
CA THR B 52 -23.13 22.76 19.18
C THR B 52 -23.52 21.28 19.10
N ASN B 53 -22.74 20.40 19.71
CA ASN B 53 -22.93 18.95 19.60
C ASN B 53 -22.84 18.41 18.16
N ASP B 54 -21.66 18.55 17.55
CA ASP B 54 -21.36 18.13 16.15
C ASP B 54 -22.52 18.44 15.17
N GLN B 55 -23.32 19.45 15.52
CA GLN B 55 -24.50 19.85 14.76
C GLN B 55 -24.15 20.68 13.55
N VAL B 56 -23.17 21.57 13.72
CA VAL B 56 -22.66 22.36 12.60
C VAL B 56 -22.25 21.47 11.43
N THR B 57 -21.67 20.32 11.79
CA THR B 57 -21.13 19.35 10.86
C THR B 57 -22.23 18.79 9.99
N LYS B 58 -23.36 18.48 10.61
CA LYS B 58 -24.51 17.93 9.90
C LYS B 58 -25.15 19.03 9.05
N ASP B 59 -25.14 20.26 9.57
CA ASP B 59 -25.76 21.35 8.86
C ASP B 59 -25.00 21.70 7.58
N ALA B 60 -23.66 21.62 7.62
CA ALA B 60 -22.86 21.93 6.44
C ALA B 60 -23.08 20.90 5.35
N ALA B 61 -23.11 19.63 5.76
CA ALA B 61 -23.26 18.49 4.85
C ALA B 61 -24.55 18.55 4.05
N GLU B 62 -25.64 18.89 4.72
CA GLU B 62 -26.95 19.05 4.09
C GLU B 62 -26.96 20.23 3.12
N ALA B 63 -26.13 21.23 3.40
CA ALA B 63 -26.00 22.40 2.55
C ALA B 63 -25.36 22.07 1.22
N ILE B 64 -24.27 21.30 1.26
CA ILE B 64 -23.61 20.82 0.06
C ILE B 64 -24.58 19.92 -0.69
N LYS B 65 -25.39 19.15 0.05
CA LYS B 65 -26.41 18.36 -0.61
C LYS B 65 -27.38 19.29 -1.34
N LYS B 66 -27.56 20.49 -0.79
CA LYS B 66 -28.50 21.49 -1.32
C LYS B 66 -27.92 22.45 -2.36
N HIS B 67 -26.71 22.94 -2.13
CA HIS B 67 -26.15 23.95 -3.01
C HIS B 67 -25.09 23.42 -3.98
N ASN B 68 -24.80 22.12 -3.85
CA ASN B 68 -23.97 21.33 -4.79
C ASN B 68 -22.44 21.50 -4.71
N VAL B 69 -21.94 22.59 -4.13
CA VAL B 69 -20.48 22.82 -4.08
C VAL B 69 -19.94 23.08 -2.65
N GLY B 70 -18.97 22.28 -2.20
CA GLY B 70 -18.37 22.50 -0.88
C GLY B 70 -16.86 22.50 -0.92
N VAL B 71 -16.23 23.38 -0.16
CA VAL B 71 -14.78 23.37 0.00
C VAL B 71 -14.42 23.35 1.48
N LYS B 72 -13.57 22.41 1.88
CA LYS B 72 -13.33 22.20 3.29
C LYS B 72 -11.90 22.45 3.76
N CYS B 73 -11.84 23.10 4.91
CA CYS B 73 -10.59 23.31 5.58
C CYS B 73 -10.37 22.08 6.45
N ALA B 74 -9.10 21.68 6.58
CA ALA B 74 -8.70 20.48 7.30
C ALA B 74 -9.09 20.58 8.76
N THR B 75 -9.63 19.50 9.33
CA THR B 75 -10.21 19.51 10.70
C THR B 75 -9.77 18.43 11.69
N ILE B 76 -9.29 18.84 12.86
CA ILE B 76 -8.99 17.91 13.98
C ILE B 76 -10.03 16.82 14.15
N THR B 77 -9.59 15.57 14.13
CA THR B 77 -10.48 14.46 14.47
C THR B 77 -10.11 13.98 15.85
N PRO B 78 -11.09 13.91 16.75
CA PRO B 78 -10.76 13.58 18.14
C PRO B 78 -10.37 12.10 18.46
N ASP B 79 -9.25 11.98 19.19
CA ASP B 79 -8.89 10.80 19.98
C ASP B 79 -8.82 11.31 21.44
N GLU B 80 -8.53 10.43 22.40
CA GLU B 80 -8.47 10.83 23.81
C GLU B 80 -7.51 11.99 24.15
N LYS B 81 -6.37 12.09 23.46
CA LYS B 81 -5.40 13.14 23.78
C LYS B 81 -5.99 14.51 23.47
N ARG B 82 -6.77 14.56 22.39
CA ARG B 82 -7.50 15.77 21.99
C ARG B 82 -8.61 16.11 22.99
N VAL B 83 -9.34 15.09 23.44
CA VAL B 83 -10.46 15.26 24.38
C VAL B 83 -9.99 15.86 25.70
N GLU B 84 -8.76 15.57 26.08
CA GLU B 84 -8.24 16.20 27.27
C GLU B 84 -7.83 17.66 26.97
N GLU B 85 -7.26 17.88 25.77
CA GLU B 85 -6.73 19.19 25.33
C GLU B 85 -7.80 20.26 25.19
N PHE B 86 -8.95 19.86 24.66
CA PHE B 86 -10.06 20.77 24.42
C PHE B 86 -11.16 20.56 25.46
N LYS B 87 -10.92 19.59 26.34
CA LYS B 87 -11.88 19.18 27.35
C LYS B 87 -13.19 18.79 26.67
N LEU B 88 -13.06 18.15 25.51
CA LEU B 88 -14.23 17.76 24.73
C LEU B 88 -15.24 16.98 25.57
N LYS B 89 -16.54 17.21 25.33
CA LYS B 89 -17.61 16.55 26.09
C LYS B 89 -17.98 15.17 25.55
N GLN B 90 -17.40 14.84 24.40
CA GLN B 90 -17.58 13.57 23.72
C GLN B 90 -16.44 13.47 22.75
N MET B 91 -16.17 12.27 22.22
CA MET B 91 -15.16 12.10 21.20
C MET B 91 -15.83 12.04 19.82
N TRP B 92 -15.99 13.20 19.19
CA TRP B 92 -16.79 13.35 17.98
C TRP B 92 -16.14 12.62 16.81
N LYS B 93 -16.96 11.93 16.03
CA LYS B 93 -16.50 11.32 14.80
C LYS B 93 -15.91 12.37 13.86
N SER B 94 -15.02 11.94 12.98
CA SER B 94 -14.52 12.83 11.96
C SER B 94 -15.69 13.43 11.20
N PRO B 95 -15.62 14.75 10.97
CA PRO B 95 -16.50 15.52 10.08
C PRO B 95 -16.45 15.00 8.61
N ASN B 96 -15.29 14.52 8.18
CA ASN B 96 -15.13 13.96 6.84
C ASN B 96 -15.92 12.68 6.67
N GLY B 97 -15.87 11.82 7.68
CA GLY B 97 -16.71 10.64 7.74
C GLY B 97 -18.18 11.03 7.79
N THR B 98 -18.54 11.87 8.77
CA THR B 98 -19.89 12.40 8.91
C THR B 98 -20.40 12.91 7.57
N ILE B 99 -19.62 13.79 6.94
CA ILE B 99 -20.07 14.43 5.71
C ILE B 99 -20.20 13.43 4.60
N ARG B 100 -19.27 12.48 4.53
CA ARG B 100 -19.24 11.57 3.40
C ARG B 100 -20.37 10.55 3.36
N ASN B 101 -20.90 10.18 4.51
CA ASN B 101 -22.04 9.27 4.55
C ASN B 101 -23.29 9.96 4.02
N ILE B 102 -23.46 11.21 4.44
CA ILE B 102 -24.64 11.99 4.14
C ILE B 102 -24.69 12.29 2.66
N LEU B 103 -23.52 12.44 2.06
CA LEU B 103 -23.45 12.79 0.64
C LEU B 103 -23.15 11.59 -0.28
N GLY B 104 -22.34 10.65 0.17
CA GLY B 104 -21.93 9.52 -0.66
C GLY B 104 -21.09 10.01 -1.82
N GLY B 105 -20.71 9.11 -2.72
CA GLY B 105 -19.82 9.43 -3.84
C GLY B 105 -18.43 8.82 -3.73
N THR B 106 -17.51 9.17 -4.64
CA THR B 106 -16.17 8.62 -4.57
C THR B 106 -15.08 9.68 -4.60
N VAL B 107 -14.13 9.54 -3.67
CA VAL B 107 -13.03 10.47 -3.51
C VAL B 107 -12.02 10.33 -4.65
N PHE B 108 -11.37 11.43 -5.02
CA PHE B 108 -10.36 11.46 -6.07
C PHE B 108 -9.19 12.26 -5.59
N ARG B 109 -8.03 11.63 -5.42
CA ARG B 109 -6.81 12.32 -4.99
C ARG B 109 -5.87 12.64 -6.15
N GLU B 110 -5.65 13.92 -6.43
CA GLU B 110 -4.72 14.30 -7.51
C GLU B 110 -3.55 15.05 -6.95
N ALA B 111 -2.34 14.59 -7.24
CA ALA B 111 -1.15 15.37 -6.90
C ALA B 111 -1.01 16.52 -7.89
N ILE B 112 -0.71 17.72 -7.40
CA ILE B 112 -0.60 18.90 -8.27
C ILE B 112 0.85 18.99 -8.74
N ILE B 113 1.07 18.81 -10.04
CA ILE B 113 2.42 18.57 -10.56
C ILE B 113 3.22 19.83 -10.87
N CYS B 114 4.35 20.03 -10.19
CA CYS B 114 5.28 21.12 -10.52
C CYS B 114 6.50 20.66 -11.27
N LYS B 115 6.89 21.47 -12.25
CA LYS B 115 7.90 21.09 -13.22
C LYS B 115 9.32 21.09 -12.68
N ASN B 116 9.54 21.65 -11.49
CA ASN B 116 10.89 21.58 -10.94
C ASN B 116 11.02 20.79 -9.65
N ILE B 117 10.04 19.91 -9.39
CA ILE B 117 10.02 19.04 -8.20
C ILE B 117 10.00 17.54 -8.60
N PRO B 118 10.74 16.69 -7.86
CA PRO B 118 10.76 15.23 -8.06
C PRO B 118 9.38 14.58 -8.28
N PRO B 127 -0.59 14.17 -14.80
CA PRO B 127 -0.88 13.86 -13.38
C PRO B 127 -1.73 12.60 -13.25
N ILE B 128 -1.71 11.96 -12.08
CA ILE B 128 -2.53 10.77 -11.90
C ILE B 128 -3.62 10.90 -10.82
N ILE B 129 -4.85 10.69 -11.26
CA ILE B 129 -6.02 10.77 -10.41
C ILE B 129 -6.52 9.38 -10.03
N ILE B 130 -6.29 8.97 -8.78
CA ILE B 130 -6.65 7.64 -8.30
C ILE B 130 -7.91 7.75 -7.47
N GLY B 131 -8.89 6.89 -7.76
CA GLY B 131 -10.12 6.85 -7.00
C GLY B 131 -10.43 5.50 -6.36
N HIS B 132 -10.38 5.44 -5.02
CA HIS B 132 -10.68 4.18 -4.35
C HIS B 132 -12.19 4.04 -4.26
N HIS B 133 -12.65 2.88 -3.82
CA HIS B 133 -14.07 2.53 -3.88
C HIS B 133 -14.91 3.19 -2.79
N ALA B 141 -20.04 -4.91 6.41
CA ALA B 141 -19.42 -6.23 6.62
C ALA B 141 -19.72 -6.85 8.01
N THR B 142 -19.85 -8.17 8.03
CA THR B 142 -20.34 -8.93 9.17
C THR B 142 -19.33 -9.89 9.75
N ASP B 143 -18.67 -9.48 10.83
CA ASP B 143 -17.61 -10.28 11.41
C ASP B 143 -18.06 -10.88 12.74
N PHE B 144 -17.67 -12.15 13.00
CA PHE B 144 -18.00 -12.83 14.25
C PHE B 144 -17.00 -13.88 14.71
N VAL B 145 -17.17 -14.35 15.94
CA VAL B 145 -16.21 -15.30 16.53
C VAL B 145 -16.78 -16.71 16.50
N VAL B 146 -16.02 -17.62 15.88
CA VAL B 146 -16.37 -19.02 15.86
C VAL B 146 -15.72 -19.67 17.07
N PRO B 147 -16.51 -19.93 18.13
CA PRO B 147 -15.99 -20.37 19.42
C PRO B 147 -15.25 -21.70 19.39
N GLY B 148 -15.84 -22.71 18.78
CA GLY B 148 -15.23 -24.02 18.73
C GLY B 148 -15.46 -24.57 17.35
N PRO B 149 -15.08 -25.83 17.14
CA PRO B 149 -15.16 -26.56 15.86
C PRO B 149 -16.56 -26.64 15.24
N GLY B 150 -16.60 -26.85 13.94
CA GLY B 150 -17.85 -26.93 13.23
C GLY B 150 -17.75 -26.30 11.86
N LYS B 151 -18.75 -26.57 11.02
CA LYS B 151 -18.78 -26.03 9.67
C LYS B 151 -19.30 -24.58 9.64
N VAL B 152 -18.56 -23.70 8.98
CA VAL B 152 -19.08 -22.37 8.74
C VAL B 152 -19.36 -22.24 7.26
N GLU B 153 -20.62 -22.04 6.91
CA GLU B 153 -21.04 -22.02 5.52
C GLU B 153 -21.70 -20.68 5.19
N ILE B 154 -21.69 -20.29 3.91
CA ILE B 154 -22.43 -19.09 3.48
C ILE B 154 -23.44 -19.45 2.38
N THR B 155 -24.70 -19.12 2.63
CA THR B 155 -25.74 -19.55 1.72
C THR B 155 -26.39 -18.37 1.04
N TYR B 156 -26.94 -18.59 -0.14
CA TYR B 156 -27.70 -17.59 -0.89
C TYR B 156 -29.01 -18.19 -1.33
N THR B 157 -30.11 -17.60 -0.87
CA THR B 157 -31.41 -18.08 -1.25
C THR B 157 -32.27 -16.98 -1.88
N PRO B 158 -32.44 -17.01 -3.20
CA PRO B 158 -33.19 -16.05 -4.02
C PRO B 158 -34.62 -15.88 -3.53
N SER B 159 -35.25 -14.74 -3.82
CA SER B 159 -36.56 -14.44 -3.22
C SER B 159 -37.67 -15.37 -3.71
N ASP B 160 -37.51 -15.88 -4.92
CA ASP B 160 -38.51 -16.75 -5.52
C ASP B 160 -38.25 -18.18 -5.13
N GLY B 161 -37.58 -18.40 -3.99
CA GLY B 161 -37.42 -19.72 -3.40
C GLY B 161 -37.04 -20.82 -4.35
N THR B 162 -36.49 -20.46 -5.52
CA THR B 162 -36.12 -21.45 -6.55
C THR B 162 -34.89 -22.32 -6.25
N GLN B 163 -33.92 -21.82 -5.48
CA GLN B 163 -32.69 -22.58 -5.24
C GLN B 163 -31.98 -22.14 -3.99
N LYS B 164 -31.29 -23.05 -3.32
CA LYS B 164 -30.44 -22.66 -2.20
C LYS B 164 -29.00 -22.92 -2.52
N VAL B 165 -28.18 -21.90 -2.67
CA VAL B 165 -26.79 -22.18 -2.98
C VAL B 165 -25.94 -21.95 -1.73
N THR B 166 -25.37 -23.00 -1.15
CA THR B 166 -24.56 -22.84 0.06
C THR B 166 -23.10 -23.26 -0.16
N TYR B 167 -22.16 -22.36 0.09
CA TYR B 167 -20.72 -22.62 -0.04
C TYR B 167 -20.06 -22.80 1.33
N LEU B 168 -19.02 -23.63 1.43
CA LEU B 168 -18.35 -23.83 2.71
C LEU B 168 -17.12 -22.93 2.88
N VAL B 169 -17.18 -22.02 3.84
CA VAL B 169 -16.07 -21.08 4.02
C VAL B 169 -14.89 -21.74 4.71
N HIS B 170 -15.17 -22.56 5.73
CA HIS B 170 -14.14 -23.42 6.33
C HIS B 170 -14.74 -24.32 7.37
N ASN B 171 -14.21 -25.52 7.40
CA ASN B 171 -14.57 -26.49 8.42
C ASN B 171 -13.56 -26.40 9.59
N PHE B 172 -14.01 -25.82 10.70
CA PHE B 172 -13.15 -25.77 11.87
C PHE B 172 -13.12 -27.13 12.54
N GLU B 173 -11.97 -27.78 12.40
CA GLU B 173 -11.76 -29.10 12.98
C GLU B 173 -10.71 -28.98 14.06
N GLU B 174 -9.90 -27.95 13.91
CA GLU B 174 -8.76 -27.71 14.76
C GLU B 174 -9.27 -27.26 16.12
N GLY B 175 -9.57 -25.98 16.22
CA GLY B 175 -10.13 -25.36 17.40
C GLY B 175 -11.20 -24.46 16.84
N GLY B 176 -11.19 -23.21 17.31
CA GLY B 176 -12.13 -22.19 16.87
C GLY B 176 -11.38 -21.15 16.08
N GLY B 177 -11.78 -19.89 16.20
CA GLY B 177 -11.15 -18.81 15.48
C GLY B 177 -12.07 -17.66 15.17
N VAL B 178 -12.08 -17.19 13.93
CA VAL B 178 -12.88 -16.03 13.53
C VAL B 178 -13.34 -16.14 12.05
N ALA B 179 -14.49 -15.54 11.70
CA ALA B 179 -15.00 -15.59 10.33
C ALA B 179 -15.74 -14.31 9.94
N MET B 180 -16.09 -14.11 8.68
CA MET B 180 -16.79 -12.87 8.33
C MET B 180 -17.53 -12.95 7.01
N GLY B 181 -18.45 -12.02 6.78
CA GLY B 181 -19.20 -11.95 5.54
C GLY B 181 -19.17 -10.55 4.96
N MET B 182 -19.20 -10.44 3.64
CA MET B 182 -19.10 -9.14 2.95
C MET B 182 -19.96 -9.18 1.70
N TYR B 183 -20.74 -8.12 1.47
CA TYR B 183 -21.70 -8.12 0.37
C TYR B 183 -21.50 -6.89 -0.47
N ASN B 184 -22.27 -6.77 -1.55
CA ASN B 184 -22.22 -5.60 -2.43
C ASN B 184 -23.34 -5.54 -3.47
N GLN B 185 -24.01 -4.42 -3.54
CA GLN B 185 -25.08 -4.25 -4.52
C GLN B 185 -24.56 -3.61 -5.79
N ASP B 186 -25.32 -3.76 -6.86
CA ASP B 186 -24.97 -3.22 -8.17
C ASP B 186 -24.92 -1.70 -8.18
N LYS B 187 -25.91 -1.05 -7.57
CA LYS B 187 -25.95 0.41 -7.54
C LYS B 187 -24.62 1.01 -7.11
N SER B 188 -24.02 0.45 -6.06
CA SER B 188 -22.75 0.99 -5.56
C SER B 188 -21.68 0.93 -6.65
N ILE B 189 -21.63 -0.17 -7.39
CA ILE B 189 -20.58 -0.32 -8.38
C ILE B 189 -20.93 0.47 -9.63
N GLU B 190 -22.22 0.58 -9.93
CA GLU B 190 -22.62 1.39 -11.07
C GLU B 190 -22.19 2.82 -10.77
N ASP B 191 -22.30 3.23 -9.51
CA ASP B 191 -21.92 4.59 -9.10
C ASP B 191 -20.41 4.82 -9.09
N PHE B 192 -19.65 3.75 -8.90
CA PHE B 192 -18.20 3.84 -9.04
C PHE B 192 -17.88 4.13 -10.50
N ALA B 193 -18.62 3.48 -11.39
CA ALA B 193 -18.46 3.62 -12.84
C ALA B 193 -18.84 4.99 -13.36
N HIS B 194 -20.09 5.40 -13.12
CA HIS B 194 -20.56 6.72 -13.56
C HIS B 194 -19.58 7.76 -13.10
N SER B 195 -19.43 7.86 -11.79
CA SER B 195 -18.51 8.81 -11.18
C SER B 195 -17.10 8.74 -11.78
N SER B 196 -16.66 7.57 -12.25
CA SER B 196 -15.31 7.46 -12.80
C SER B 196 -15.24 7.81 -14.29
N PHE B 197 -16.31 7.53 -15.02
CA PHE B 197 -16.33 7.87 -16.43
C PHE B 197 -16.55 9.36 -16.59
N GLN B 198 -17.47 9.91 -15.80
CA GLN B 198 -17.76 11.33 -15.86
C GLN B 198 -16.49 12.12 -15.54
N MET B 199 -15.82 11.73 -14.47
CA MET B 199 -14.55 12.33 -14.06
C MET B 199 -13.50 12.31 -15.18
N ALA B 200 -13.56 11.31 -16.05
CA ALA B 200 -12.64 11.21 -17.18
C ALA B 200 -12.89 12.26 -18.26
N LEU B 201 -14.15 12.62 -18.49
CA LEU B 201 -14.45 13.64 -19.49
C LEU B 201 -14.16 15.05 -19.01
N SER B 202 -14.47 15.32 -17.74
CA SER B 202 -14.13 16.61 -17.14
C SER B 202 -12.63 16.87 -17.24
N LYS B 203 -11.82 15.81 -17.25
CA LYS B 203 -10.37 15.97 -17.34
C LYS B 203 -9.86 15.59 -18.72
N GLY B 204 -10.72 15.01 -19.54
CA GLY B 204 -10.31 14.60 -20.87
C GLY B 204 -9.17 13.59 -20.85
N TRP B 205 -9.14 12.75 -19.83
CA TRP B 205 -8.10 11.73 -19.69
C TRP B 205 -8.63 10.30 -19.80
N PRO B 206 -7.78 9.38 -20.31
CA PRO B 206 -8.17 7.98 -20.33
C PRO B 206 -8.43 7.45 -18.90
N LEU B 207 -9.35 6.50 -18.78
CA LEU B 207 -9.70 5.88 -17.51
C LEU B 207 -9.29 4.42 -17.53
N TYR B 208 -8.69 3.98 -16.43
CA TYR B 208 -8.28 2.61 -16.29
C TYR B 208 -8.93 2.07 -15.02
N LEU B 209 -9.42 0.84 -15.09
CA LEU B 209 -9.94 0.12 -13.93
C LEU B 209 -9.05 -1.09 -13.60
N SER B 210 -8.50 -1.13 -12.39
CA SER B 210 -7.69 -2.28 -12.00
C SER B 210 -8.49 -3.20 -11.06
N LEU B 216 -9.90 -13.71 -5.82
CA LEU B 216 -11.31 -13.33 -5.87
C LEU B 216 -11.83 -13.31 -7.30
N LYS B 217 -11.68 -14.45 -7.97
CA LYS B 217 -11.97 -14.60 -9.40
C LYS B 217 -13.31 -13.99 -9.87
N LYS B 218 -14.38 -14.16 -9.09
CA LYS B 218 -15.73 -13.73 -9.47
C LYS B 218 -16.24 -12.44 -8.78
N TYR B 219 -15.46 -11.94 -7.84
CA TYR B 219 -15.81 -10.73 -7.09
C TYR B 219 -15.42 -9.48 -7.92
N ASP B 220 -14.10 -9.27 -8.05
CA ASP B 220 -13.47 -8.20 -8.86
C ASP B 220 -13.93 -8.31 -10.33
N GLY B 221 -14.38 -9.51 -10.73
CA GLY B 221 -14.97 -9.74 -12.03
C GLY B 221 -16.26 -8.99 -12.29
N ARG B 222 -17.15 -9.02 -11.31
CA ARG B 222 -18.43 -8.29 -11.39
C ARG B 222 -18.22 -6.78 -11.52
N PHE B 223 -17.09 -6.31 -11.00
CA PHE B 223 -16.70 -4.92 -11.17
C PHE B 223 -16.37 -4.64 -12.62
N LYS B 224 -15.50 -5.46 -13.21
CA LYS B 224 -15.05 -5.28 -14.58
C LYS B 224 -16.22 -5.21 -15.56
N ASP B 225 -17.26 -6.00 -15.31
CA ASP B 225 -18.41 -6.02 -16.21
C ASP B 225 -19.26 -4.75 -16.20
N ILE B 226 -19.79 -4.37 -15.05
CA ILE B 226 -20.68 -3.20 -14.99
C ILE B 226 -19.99 -1.96 -15.55
N PHE B 227 -18.66 -1.93 -15.46
CA PHE B 227 -17.91 -0.86 -16.11
C PHE B 227 -18.02 -0.95 -17.64
N GLN B 228 -17.76 -2.13 -18.19
CA GLN B 228 -17.88 -2.35 -19.62
C GLN B 228 -19.30 -2.12 -20.12
N GLU B 229 -20.28 -2.31 -19.23
CA GLU B 229 -21.71 -2.15 -19.56
C GLU B 229 -22.20 -0.69 -19.51
N ILE B 230 -21.66 0.09 -18.58
CA ILE B 230 -22.02 1.50 -18.47
C ILE B 230 -21.25 2.23 -19.57
N TYR B 231 -19.99 1.81 -19.79
CA TYR B 231 -19.16 2.33 -20.87
C TYR B 231 -19.88 2.28 -22.20
N ASP B 232 -20.31 1.08 -22.56
CA ASP B 232 -20.99 0.82 -23.82
C ASP B 232 -22.53 1.02 -23.70
N LYS B 233 -22.96 2.17 -23.17
CA LYS B 233 -24.39 2.50 -22.96
C LYS B 233 -24.61 4.00 -22.79
N GLN B 234 -23.59 4.69 -22.28
CA GLN B 234 -23.63 6.15 -22.12
C GLN B 234 -22.27 6.76 -22.52
N TYR B 235 -21.18 6.05 -22.21
CA TYR B 235 -19.87 6.66 -22.29
C TYR B 235 -18.99 6.05 -23.40
N GLN B 242 -14.82 12.60 -27.72
CA GLN B 242 -13.84 13.51 -27.12
C GLN B 242 -12.39 12.99 -27.17
N LYS B 243 -12.09 12.10 -28.12
CA LYS B 243 -10.73 11.57 -28.26
C LYS B 243 -10.26 10.95 -26.95
N ILE B 244 -11.17 10.23 -26.30
CA ILE B 244 -10.96 9.59 -25.01
C ILE B 244 -11.29 8.10 -25.13
N TRP B 245 -10.98 7.30 -24.10
CA TRP B 245 -11.37 5.89 -24.12
C TRP B 245 -11.48 5.35 -22.70
N TYR B 246 -11.55 4.03 -22.57
CA TYR B 246 -11.54 3.35 -21.26
C TYR B 246 -10.93 1.94 -21.35
N GLU B 247 -10.22 1.52 -20.31
CA GLU B 247 -9.57 0.19 -20.31
C GLU B 247 -9.51 -0.48 -18.93
N HIS B 248 -9.26 -1.79 -18.90
CA HIS B 248 -9.13 -2.54 -17.64
C HIS B 248 -7.72 -3.10 -17.45
N ARG B 249 -7.34 -3.35 -16.20
CA ARG B 249 -6.02 -3.92 -15.91
C ARG B 249 -5.99 -4.75 -14.65
N LEU B 250 -4.78 -5.17 -14.30
CA LEU B 250 -4.52 -5.87 -13.04
C LEU B 250 -3.44 -5.08 -12.25
N ILE B 251 -3.53 -5.05 -10.92
CA ILE B 251 -2.71 -4.17 -10.04
C ILE B 251 -1.25 -3.97 -10.47
N ASP B 252 -0.58 -5.10 -10.72
CA ASP B 252 0.86 -5.16 -10.96
C ASP B 252 1.26 -4.74 -12.37
N ASP B 253 0.29 -4.72 -13.27
CA ASP B 253 0.55 -4.34 -14.66
C ASP B 253 0.64 -2.81 -14.78
N MET B 254 -0.01 -2.11 -13.85
CA MET B 254 0.06 -0.66 -13.78
C MET B 254 1.42 -0.18 -13.24
N GLU B 262 2.97 6.93 -19.25
CA GLU B 262 3.70 8.20 -19.17
C GLU B 262 3.20 9.07 -18.03
N GLY B 263 1.89 9.05 -17.82
CA GLY B 263 1.26 9.81 -16.75
C GLY B 263 0.25 10.83 -17.23
N GLY B 264 -1.01 10.63 -16.88
CA GLY B 264 -2.07 11.49 -17.36
C GLY B 264 -3.32 10.69 -17.66
N PHE B 265 -3.75 9.89 -16.68
CA PHE B 265 -4.93 9.06 -16.82
C PHE B 265 -5.66 8.86 -15.48
N ILE B 266 -6.95 8.58 -15.56
CA ILE B 266 -7.79 8.28 -14.39
C ILE B 266 -7.76 6.79 -14.01
N TRP B 267 -7.36 6.50 -12.78
CA TRP B 267 -7.25 5.11 -12.35
C TRP B 267 -8.24 4.77 -11.23
N ALA B 268 -9.12 3.82 -11.53
CA ALA B 268 -10.10 3.33 -10.58
C ALA B 268 -9.58 2.12 -9.85
N CYS B 269 -9.75 2.11 -8.53
CA CYS B 269 -9.34 0.98 -7.69
C CYS B 269 -10.52 0.50 -6.84
N SER B 287 5.58 16.29 -1.89
CA SER B 287 5.07 16.69 -0.58
C SER B 287 3.57 16.47 -0.44
N LEU B 288 3.14 16.33 0.81
CA LEU B 288 1.74 16.10 1.13
C LEU B 288 0.87 17.30 0.79
N GLY B 289 1.42 18.50 0.99
CA GLY B 289 0.71 19.73 0.73
C GLY B 289 0.50 20.06 -0.74
N MET B 290 0.62 19.05 -1.59
CA MET B 290 0.40 19.23 -3.02
C MET B 290 -0.58 18.17 -3.50
N MET B 291 -1.26 17.58 -2.53
CA MET B 291 -2.31 16.59 -2.80
C MET B 291 -3.72 17.19 -2.65
N THR B 292 -4.61 16.86 -3.59
CA THR B 292 -5.96 17.41 -3.55
C THR B 292 -7.02 16.35 -3.81
N SER B 293 -7.66 15.94 -2.72
CA SER B 293 -8.73 14.97 -2.78
C SER B 293 -10.07 15.67 -3.06
N VAL B 294 -10.93 15.03 -3.86
CA VAL B 294 -12.26 15.58 -4.16
C VAL B 294 -13.32 14.48 -4.13
N LEU B 295 -14.40 14.70 -3.36
CA LEU B 295 -15.48 13.73 -3.31
C LEU B 295 -16.53 13.99 -4.38
N VAL B 296 -16.61 13.11 -5.37
CA VAL B 296 -17.59 13.26 -6.46
C VAL B 296 -18.84 12.39 -6.25
N CYS B 297 -19.96 13.08 -6.11
CA CYS B 297 -21.24 12.43 -5.90
C CYS B 297 -21.65 11.82 -7.22
N PRO B 298 -22.48 10.77 -7.15
CA PRO B 298 -22.83 10.00 -8.36
C PRO B 298 -23.62 10.83 -9.37
N ASP B 299 -24.56 11.65 -8.88
CA ASP B 299 -25.43 12.44 -9.76
C ASP B 299 -24.68 13.36 -10.72
N GLY B 300 -23.45 13.72 -10.36
CA GLY B 300 -22.65 14.56 -11.22
C GLY B 300 -22.75 16.02 -10.87
N LYS B 301 -23.71 16.37 -10.02
CA LYS B 301 -23.91 17.75 -9.65
C LYS B 301 -23.14 18.11 -8.38
N THR B 302 -23.30 17.30 -7.33
CA THR B 302 -22.74 17.63 -6.04
C THR B 302 -21.24 17.32 -5.93
N VAL B 303 -20.45 18.27 -5.41
CA VAL B 303 -18.99 18.12 -5.31
C VAL B 303 -18.43 18.78 -4.06
N GLU B 304 -17.54 18.09 -3.34
CA GLU B 304 -16.85 18.67 -2.19
C GLU B 304 -15.33 18.59 -2.34
N ALA B 305 -14.64 19.71 -2.16
CA ALA B 305 -13.21 19.77 -2.39
C ALA B 305 -12.44 20.07 -1.11
N GLU B 306 -11.22 19.56 -1.03
CA GLU B 306 -10.47 19.59 0.21
C GLU B 306 -9.00 19.28 0.05
N ALA B 307 -8.20 19.80 0.97
CA ALA B 307 -6.80 19.42 1.07
C ALA B 307 -6.69 17.94 1.46
N ALA B 308 -5.64 17.26 1.02
CA ALA B 308 -5.50 15.85 1.37
C ALA B 308 -4.68 15.65 2.64
N HIS B 309 -3.97 16.70 3.04
CA HIS B 309 -3.28 16.71 4.31
C HIS B 309 -4.19 17.14 5.47
N GLY B 310 -3.75 16.88 6.69
CA GLY B 310 -4.48 17.23 7.88
C GLY B 310 -4.11 18.63 8.31
N THR B 311 -4.27 18.92 9.60
CA THR B 311 -4.22 20.30 10.10
C THR B 311 -2.81 20.86 10.37
N VAL B 312 -1.77 20.07 10.08
CA VAL B 312 -0.39 20.48 10.29
C VAL B 312 -0.15 21.09 11.69
N THR B 313 -0.35 20.28 12.74
CA THR B 313 -0.33 20.78 14.12
C THR B 313 1.04 21.30 14.55
N ARG B 314 2.07 20.57 14.13
CA ARG B 314 3.44 20.91 14.48
C ARG B 314 3.75 22.33 14.03
N HIS B 315 3.38 22.69 12.80
CA HIS B 315 3.56 24.06 12.30
C HIS B 315 2.78 25.10 13.07
N TYR B 316 1.62 24.67 13.57
CA TYR B 316 0.74 25.52 14.36
C TYR B 316 1.29 25.70 15.77
N ARG B 317 1.95 24.66 16.27
CA ARG B 317 2.57 24.74 17.59
C ARG B 317 3.78 25.68 17.61
N MET B 318 4.46 25.81 16.47
CA MET B 318 5.52 26.80 16.29
C MET B 318 4.94 28.20 16.12
N TYR B 319 3.81 28.27 15.43
CA TYR B 319 3.10 29.53 15.21
C TYR B 319 2.72 30.16 16.55
N GLN B 320 2.16 29.34 17.43
CA GLN B 320 1.84 29.74 18.78
C GLN B 320 3.08 30.18 19.55
N LYS B 321 4.14 29.40 19.46
CA LYS B 321 5.40 29.69 20.15
C LYS B 321 6.07 31.00 19.65
N GLY B 322 5.66 31.43 18.46
CA GLY B 322 6.16 32.66 17.89
C GLY B 322 7.15 32.45 16.77
N GLN B 323 7.46 31.18 16.48
CA GLN B 323 8.49 30.86 15.51
C GLN B 323 7.98 31.00 14.09
N GLU B 324 8.89 31.27 13.16
CA GLU B 324 8.57 31.39 11.75
C GLU B 324 8.30 30.01 11.14
N THR B 325 7.27 29.92 10.30
CA THR B 325 6.87 28.64 9.71
C THR B 325 6.96 28.60 8.18
N SER B 326 6.61 27.45 7.59
CA SER B 326 6.55 27.32 6.12
C SER B 326 5.57 26.23 5.69
N THR B 327 4.28 26.57 5.73
CA THR B 327 3.20 25.64 5.41
C THR B 327 2.77 25.83 3.95
N ASN B 328 2.63 24.72 3.23
CA ASN B 328 2.31 24.78 1.83
C ASN B 328 0.85 25.01 1.65
N PRO B 329 0.50 26.14 1.04
CA PRO B 329 -0.91 26.48 0.87
C PRO B 329 -1.51 25.78 -0.31
N ILE B 330 -0.68 25.30 -1.24
CA ILE B 330 -1.13 24.76 -2.54
C ILE B 330 -2.27 23.74 -2.47
N ALA B 331 -2.25 22.85 -1.49
CA ALA B 331 -3.31 21.86 -1.42
C ALA B 331 -4.63 22.54 -1.11
N SER B 332 -4.65 23.31 -0.02
CA SER B 332 -5.84 24.06 0.38
C SER B 332 -6.29 24.98 -0.73
N ILE B 333 -5.34 25.63 -1.39
CA ILE B 333 -5.66 26.52 -2.50
C ILE B 333 -6.44 25.82 -3.58
N PHE B 334 -5.89 24.75 -4.09
CA PHE B 334 -6.49 24.04 -5.18
C PHE B 334 -7.85 23.46 -4.78
N ALA B 335 -8.10 23.24 -3.47
CA ALA B 335 -9.46 22.86 -3.01
C ALA B 335 -10.50 23.89 -3.44
N TRP B 336 -10.14 25.16 -3.31
CA TRP B 336 -10.98 26.27 -3.74
C TRP B 336 -11.21 26.35 -5.25
N THR B 337 -10.13 26.32 -6.00
CA THR B 337 -10.24 26.46 -7.44
C THR B 337 -11.03 25.33 -8.08
N ARG B 338 -10.94 24.12 -7.53
CA ARG B 338 -11.68 22.98 -8.10
C ARG B 338 -13.16 23.17 -7.81
N GLY B 339 -13.48 23.67 -6.63
CA GLY B 339 -14.84 23.93 -6.26
C GLY B 339 -15.43 25.11 -7.01
N LEU B 340 -14.61 26.12 -7.25
CA LEU B 340 -15.04 27.30 -7.99
C LEU B 340 -15.27 26.99 -9.45
N ALA B 341 -14.36 26.22 -10.03
CA ALA B 341 -14.49 25.85 -11.41
C ALA B 341 -15.69 24.94 -11.62
N HIS B 342 -16.01 24.13 -10.62
CA HIS B 342 -17.22 23.30 -10.74
C HIS B 342 -18.48 24.15 -10.61
N ARG B 343 -18.43 25.13 -9.72
CA ARG B 343 -19.48 26.12 -9.60
C ARG B 343 -19.68 26.75 -10.97
N ALA B 344 -18.57 27.18 -11.56
CA ALA B 344 -18.59 27.76 -12.90
C ALA B 344 -19.24 26.82 -13.91
N LYS B 345 -18.95 25.52 -13.83
CA LYS B 345 -19.57 24.58 -14.76
C LYS B 345 -21.07 24.52 -14.58
N LEU B 346 -21.53 24.40 -13.34
CA LEU B 346 -22.95 24.37 -13.05
C LEU B 346 -23.69 25.66 -13.41
N ASP B 347 -22.96 26.74 -13.57
CA ASP B 347 -23.60 28.02 -13.82
C ASP B 347 -23.25 28.56 -15.20
N ASN B 348 -22.47 27.81 -15.98
CA ASN B 348 -21.93 28.35 -17.21
C ASN B 348 -21.35 29.75 -16.95
N ASN B 349 -20.32 29.81 -16.12
CA ASN B 349 -19.79 31.08 -15.66
C ASN B 349 -18.40 31.30 -16.19
N LYS B 350 -18.35 31.77 -17.44
CA LYS B 350 -17.11 31.96 -18.16
C LYS B 350 -16.05 32.81 -17.42
N GLU B 351 -16.50 33.88 -16.76
CA GLU B 351 -15.62 34.77 -15.99
C GLU B 351 -14.92 34.04 -14.83
N LEU B 352 -15.74 33.35 -14.05
CA LEU B 352 -15.29 32.60 -12.88
C LEU B 352 -14.39 31.47 -13.27
N ALA B 353 -14.83 30.66 -14.24
CA ALA B 353 -14.09 29.51 -14.75
C ALA B 353 -12.68 29.89 -15.14
N PHE B 354 -12.57 31.08 -15.73
CA PHE B 354 -11.29 31.64 -16.13
C PHE B 354 -10.40 31.88 -14.91
N PHE B 355 -10.97 32.56 -13.93
CA PHE B 355 -10.30 32.89 -12.67
C PHE B 355 -9.77 31.66 -11.93
N ALA B 356 -10.61 30.65 -11.81
CA ALA B 356 -10.22 29.39 -11.20
C ALA B 356 -8.96 28.81 -11.84
N ASN B 357 -8.99 28.62 -13.15
CA ASN B 357 -7.84 28.12 -13.89
C ASN B 357 -6.62 29.04 -13.75
N ALA B 358 -6.88 30.34 -13.78
CA ALA B 358 -5.81 31.31 -13.74
C ALA B 358 -5.04 31.24 -12.44
N LEU B 359 -5.75 30.93 -11.34
CA LEU B 359 -5.13 30.84 -10.01
C LEU B 359 -4.38 29.50 -9.86
N GLU B 360 -4.95 28.43 -10.42
CA GLU B 360 -4.21 27.18 -10.51
C GLU B 360 -2.89 27.43 -11.28
N GLU B 361 -2.95 28.28 -12.31
CA GLU B 361 -1.76 28.60 -13.10
C GLU B 361 -0.66 29.29 -12.30
N VAL B 362 -1.01 30.45 -11.76
CA VAL B 362 -0.15 31.26 -10.93
C VAL B 362 0.57 30.46 -9.84
N SER B 363 -0.19 29.60 -9.18
CA SER B 363 0.35 28.73 -8.14
C SER B 363 1.47 27.86 -8.66
N ILE B 364 1.24 27.20 -9.80
CA ILE B 364 2.27 26.35 -10.36
C ILE B 364 3.46 27.19 -10.90
N GLU B 365 3.18 28.31 -11.56
CA GLU B 365 4.24 29.16 -12.14
C GLU B 365 5.15 29.79 -11.10
N THR B 366 4.63 29.97 -9.89
CA THR B 366 5.38 30.62 -8.84
C THR B 366 6.45 29.71 -8.26
N ILE B 367 6.14 28.42 -8.20
CA ILE B 367 7.03 27.41 -7.65
C ILE B 367 8.01 27.03 -8.75
N GLU B 368 7.49 26.98 -9.97
CA GLU B 368 8.32 26.75 -11.14
C GLU B 368 9.36 27.87 -11.34
N ALA B 369 9.19 28.98 -10.64
CA ALA B 369 10.09 30.11 -10.81
C ALA B 369 11.05 30.26 -9.63
N GLY B 370 11.07 29.28 -8.73
CA GLY B 370 12.05 29.28 -7.65
C GLY B 370 11.51 29.80 -6.32
N PHE B 371 10.38 30.48 -6.36
CA PHE B 371 9.75 30.95 -5.14
C PHE B 371 8.82 29.88 -4.57
N MET B 372 9.18 29.34 -3.41
CA MET B 372 8.43 28.22 -2.85
C MET B 372 8.61 28.14 -1.32
N THR B 373 7.84 27.25 -0.68
CA THR B 373 7.96 26.98 0.77
C THR B 373 9.03 25.92 1.04
N LYS B 374 9.22 25.55 2.30
CA LYS B 374 10.36 24.70 2.70
C LYS B 374 10.18 23.19 2.45
N ASP B 375 8.95 22.70 2.49
CA ASP B 375 8.73 21.30 2.18
C ASP B 375 9.13 21.03 0.73
N LEU B 376 8.97 22.03 -0.13
CA LEU B 376 9.30 21.90 -1.55
C LEU B 376 10.79 22.11 -1.78
N ALA B 377 11.37 23.04 -1.04
CA ALA B 377 12.79 23.32 -1.11
C ALA B 377 13.62 22.14 -0.64
N ALA B 378 13.09 21.39 0.32
CA ALA B 378 13.76 20.18 0.80
C ALA B 378 13.54 18.98 -0.13
N CYS B 379 12.51 19.05 -0.96
CA CYS B 379 12.29 18.03 -1.94
C CYS B 379 13.27 18.22 -3.10
N ILE B 380 13.47 19.47 -3.53
CA ILE B 380 14.48 19.74 -4.54
C ILE B 380 15.87 19.39 -3.98
N LYS B 381 16.32 20.08 -2.93
CA LYS B 381 17.73 20.04 -2.49
C LYS B 381 18.16 19.00 -1.40
N GLY B 382 17.18 18.37 -0.73
CA GLY B 382 17.49 17.51 0.40
C GLY B 382 17.39 18.32 1.67
N LEU B 383 16.70 17.77 2.67
CA LEU B 383 16.39 18.52 3.89
C LEU B 383 17.64 19.14 4.56
N PRO B 384 18.69 18.34 4.84
CA PRO B 384 19.82 18.93 5.57
C PRO B 384 20.59 19.96 4.77
N ASN B 385 20.32 20.05 3.48
CA ASN B 385 21.06 20.95 2.61
C ASN B 385 20.30 22.23 2.31
N VAL B 386 19.20 22.46 3.04
CA VAL B 386 18.35 23.64 2.79
C VAL B 386 18.81 24.91 3.56
N GLN B 387 19.06 26.01 2.83
CA GLN B 387 19.36 27.30 3.45
C GLN B 387 18.08 28.13 3.53
N ARG B 388 18.08 29.14 4.40
CA ARG B 388 16.91 29.97 4.63
C ARG B 388 16.54 30.78 3.40
N SER B 389 17.53 31.10 2.57
CA SER B 389 17.25 31.89 1.37
C SER B 389 16.81 31.03 0.14
N ASP B 390 16.47 29.76 0.41
CA ASP B 390 16.01 28.80 -0.60
C ASP B 390 14.49 28.74 -0.68
N TYR B 391 13.86 29.11 0.42
CA TYR B 391 12.41 29.05 0.53
C TYR B 391 11.82 30.35 1.10
N LEU B 392 10.51 30.48 0.97
CA LEU B 392 9.76 31.56 1.61
C LEU B 392 8.96 30.99 2.81
N ASN B 393 8.62 31.83 3.77
CA ASN B 393 7.78 31.37 4.87
C ASN B 393 6.32 31.45 4.45
N THR B 394 5.44 30.96 5.32
CA THR B 394 4.03 30.88 5.02
C THR B 394 3.46 32.19 4.49
N PHE B 395 3.77 33.28 5.18
CA PHE B 395 3.17 34.57 4.86
C PHE B 395 3.80 35.24 3.63
N GLU B 396 5.04 34.90 3.33
CA GLU B 396 5.71 35.45 2.14
C GLU B 396 5.31 34.73 0.85
N PHE B 397 5.09 33.43 0.95
CA PHE B 397 4.74 32.70 -0.25
C PHE B 397 3.35 33.16 -0.62
N MET B 398 2.49 33.41 0.37
CA MET B 398 1.15 33.93 0.06
C MET B 398 1.21 35.31 -0.59
N ASP B 399 2.18 36.14 -0.17
CA ASP B 399 2.40 37.44 -0.79
C ASP B 399 2.76 37.29 -2.26
N LYS B 400 3.71 36.41 -2.58
CA LYS B 400 4.13 36.23 -3.96
C LYS B 400 2.97 35.82 -4.87
N LEU B 401 2.13 34.88 -4.42
CA LEU B 401 1.01 34.44 -5.22
C LEU B 401 0.02 35.58 -5.45
N GLY B 402 -0.20 36.37 -4.41
CA GLY B 402 -1.09 37.50 -4.53
C GLY B 402 -0.54 38.49 -5.52
N GLU B 403 0.75 38.80 -5.40
CA GLU B 403 1.43 39.71 -6.31
C GLU B 403 1.39 39.20 -7.76
N ASN B 404 1.61 37.90 -7.93
CA ASN B 404 1.57 37.29 -9.26
C ASN B 404 0.15 37.08 -9.74
N LEU B 405 -0.81 37.04 -8.82
CA LEU B 405 -2.19 36.93 -9.21
C LEU B 405 -2.73 38.29 -9.62
N LYS B 406 -2.17 39.35 -9.03
CA LYS B 406 -2.59 40.69 -9.40
C LYS B 406 -2.15 40.93 -10.83
N ILE B 407 -0.89 40.63 -11.11
CA ILE B 407 -0.33 40.84 -12.43
C ILE B 407 -0.92 39.91 -13.47
N LYS B 408 -0.88 38.59 -13.23
CA LYS B 408 -1.47 37.60 -14.13
C LYS B 408 -2.93 37.93 -14.51
N LEU B 409 -3.74 38.34 -13.51
CA LEU B 409 -5.14 38.70 -13.73
C LEU B 409 -5.34 40.09 -14.33
N ALA B 410 -4.35 40.96 -14.17
CA ALA B 410 -4.40 42.28 -14.77
C ALA B 410 -4.23 42.23 -16.31
N GLN B 411 -3.56 41.18 -16.80
CA GLN B 411 -3.38 40.95 -18.24
C GLN B 411 -4.32 39.82 -18.73
#